data_3P6K
#
_entry.id   3P6K
#
_cell.length_a   83.979
_cell.length_b   83.979
_cell.length_c   176.391
_cell.angle_alpha   90.000
_cell.angle_beta   90.000
_cell.angle_gamma   120.000
#
_symmetry.space_group_name_H-M   'P 32 2 1'
#
loop_
_entity.id
_entity.type
_entity.pdbx_description
1 polymer 'Aminotransferase class I and II'
2 non-polymer 'SULFATE ION'
3 non-polymer 1,2-ETHANEDIOL
4 non-polymer 'UNKNOWN LIGAND'
5 water water
#
_entity_poly.entity_id   1
_entity_poly.type   'polypeptide(L)'
_entity_poly.pdbx_seq_one_letter_code
;G(MSE)KLPRFGVEEWLNVHENSAIYDIAGVSISSLTLEELFALSGTNPEDFYKKLQGTKLNYGWIEGSPAFKKSVSQLY
TGVKPEQILQTNGATGANLLVLYSLIEPGDHVISLYPTYQQLYDIPKSLGAEVDLWQIEEENGWLPDLEKLRQLIRPTTK
(MSE)ICINNANNPTGAV(MSE)DRTYLEELVEIASEVGAYILSDEVYRSFSELDVPSIIEVYDKGIAVNSLS(LLP)TY
SLPGIRIGWVAANHQVTDILRDYRDYT(MSE)ICAGVFDDLVAQLALAHYQEILERNRHILEENLAILDQWIEEEPLVSY
IRPAVVSTSFVKIAVD(MSE)P(MSE)EDFCLQLLQEHGVLLVPGNRFERDGYVRLGFACEQETLIKGLEKLSQFLRRFD
KEN
;
_entity_poly.pdbx_strand_id   A,B
#
# COMPACT_ATOMS: atom_id res chain seq x y z
N LEU A 4 -12.14 -3.42 -14.01
CA LEU A 4 -12.17 -4.39 -12.87
C LEU A 4 -13.39 -4.09 -11.98
N PRO A 5 -14.05 -5.15 -11.40
CA PRO A 5 -15.29 -4.80 -10.66
C PRO A 5 -15.02 -4.28 -9.25
N ARG A 6 -16.06 -3.64 -8.68
CA ARG A 6 -16.03 -3.14 -7.30
C ARG A 6 -15.81 -4.34 -6.35
N PHE A 7 -14.97 -4.13 -5.32
CA PHE A 7 -14.64 -5.14 -4.30
C PHE A 7 -15.97 -5.40 -3.49
N GLY A 8 -16.57 -6.58 -3.69
CA GLY A 8 -17.89 -6.95 -3.14
C GLY A 8 -18.17 -6.75 -1.66
N VAL A 9 -17.35 -7.38 -0.81
CA VAL A 9 -17.45 -7.22 0.65
C VAL A 9 -17.22 -5.75 1.08
N GLU A 10 -16.26 -5.06 0.47
CA GLU A 10 -15.97 -3.62 0.73
C GLU A 10 -17.11 -2.70 0.45
N GLU A 11 -17.77 -2.92 -0.69
CA GLU A 11 -18.90 -2.12 -1.14
C GLU A 11 -20.10 -2.30 -0.19
N TRP A 12 -20.19 -3.46 0.47
CA TRP A 12 -21.20 -3.74 1.50
C TRP A 12 -20.83 -3.01 2.78
N LEU A 13 -19.60 -3.21 3.25
CA LEU A 13 -19.14 -2.54 4.48
C LEU A 13 -19.09 -0.99 4.34
N ASN A 14 -18.74 -0.45 3.17
CA ASN A 14 -18.75 1.03 2.94
C ASN A 14 -20.14 1.61 3.22
N VAL A 15 -21.14 1.03 2.54
CA VAL A 15 -22.53 1.49 2.68
C VAL A 15 -23.14 1.17 4.09
N HIS A 16 -22.74 0.06 4.74
CA HIS A 16 -23.43 -0.43 5.98
C HIS A 16 -22.69 -0.54 7.34
N GLU A 17 -21.37 -0.42 7.39
CA GLU A 17 -20.63 -0.58 8.68
C GLU A 17 -20.96 0.47 9.76
N ASN A 18 -21.16 1.73 9.34
CA ASN A 18 -21.46 2.82 10.29
CA ASN A 18 -21.48 2.84 10.25
C ASN A 18 -22.84 2.75 10.96
N SER A 19 -23.74 1.88 10.44
CA SER A 19 -25.09 1.67 10.99
C SER A 19 -25.23 0.43 11.90
N ALA A 20 -24.11 -0.15 12.35
CA ALA A 20 -24.08 -1.41 13.13
C ALA A 20 -23.84 -1.21 14.64
N ILE A 21 -24.78 -1.71 15.46
CA ILE A 21 -24.66 -1.67 16.93
C ILE A 21 -23.94 -2.98 17.39
N TYR A 22 -24.35 -4.12 16.82
CA TYR A 22 -23.69 -5.41 17.07
C TYR A 22 -23.04 -5.90 15.74
N ASP A 23 -21.74 -5.64 15.59
CA ASP A 23 -20.99 -6.01 14.38
C ASP A 23 -20.37 -7.40 14.49
N ILE A 24 -21.05 -8.36 13.85
CA ILE A 24 -20.54 -9.75 13.75
C ILE A 24 -20.30 -10.07 12.25
N ALA A 25 -19.80 -9.06 11.51
CA ALA A 25 -19.48 -9.13 10.09
C ALA A 25 -17.97 -9.25 9.89
N GLY A 26 -17.21 -8.35 10.54
CA GLY A 26 -15.73 -8.35 10.50
C GLY A 26 -15.18 -9.72 10.83
N VAL A 27 -14.02 -10.05 10.27
CA VAL A 27 -13.43 -11.40 10.43
C VAL A 27 -12.03 -11.38 11.06
N SER A 28 -11.81 -10.39 11.94
CA SER A 28 -10.57 -10.19 12.73
C SER A 28 -10.89 -10.65 14.16
N ILE A 29 -9.85 -10.86 14.96
CA ILE A 29 -9.95 -11.25 16.38
C ILE A 29 -9.74 -9.96 17.18
N SER A 30 -10.77 -9.52 17.94
CA SER A 30 -10.78 -8.30 18.78
C SER A 30 -9.43 -7.63 18.97
N SER A 31 -9.24 -6.54 18.25
CA SER A 31 -7.97 -5.84 18.18
C SER A 31 -7.40 -5.36 19.52
N LEU A 32 -6.08 -5.27 19.53
CA LEU A 32 -5.33 -4.80 20.67
C LEU A 32 -5.14 -3.30 20.59
N THR A 33 -5.04 -2.65 21.75
CA THR A 33 -4.57 -1.26 21.83
C THR A 33 -3.05 -1.39 22.02
N LEU A 34 -2.29 -0.32 21.83
CA LEU A 34 -0.84 -0.40 22.09
C LEU A 34 -0.57 -0.72 23.59
N GLU A 35 -1.35 -0.16 24.51
CA GLU A 35 -1.17 -0.45 25.94
C GLU A 35 -1.42 -1.93 26.27
N GLU A 36 -2.45 -2.51 25.66
CA GLU A 36 -2.73 -3.93 25.81
C GLU A 36 -1.54 -4.77 25.35
N LEU A 37 -0.95 -4.38 24.21
CA LEU A 37 0.23 -5.08 23.68
C LEU A 37 1.37 -5.03 24.70
N PHE A 38 1.61 -3.85 25.29
CA PHE A 38 2.63 -3.73 26.34
C PHE A 38 2.33 -4.61 27.56
N ALA A 39 1.07 -4.60 28.02
CA ALA A 39 0.67 -5.42 29.18
C ALA A 39 0.86 -6.90 28.93
N LEU A 40 0.37 -7.40 27.79
CA LEU A 40 0.44 -8.83 27.51
C LEU A 40 1.90 -9.29 27.17
N SER A 41 2.70 -8.39 26.59
CA SER A 41 4.11 -8.66 26.28
C SER A 41 5.04 -8.51 27.49
N GLY A 42 4.57 -7.86 28.56
CA GLY A 42 5.41 -7.56 29.72
C GLY A 42 6.40 -6.45 29.44
N THR A 43 6.08 -5.54 28.52
CA THR A 43 6.96 -4.42 28.12
C THR A 43 6.63 -3.17 28.92
N ASN A 44 7.65 -2.33 29.14
CA ASN A 44 7.51 -1.04 29.79
C ASN A 44 7.19 0.00 28.69
N PRO A 45 6.08 0.77 28.84
CA PRO A 45 5.74 1.80 27.82
C PRO A 45 6.82 2.85 27.56
N GLU A 46 7.41 3.36 28.64
CA GLU A 46 8.45 4.39 28.58
CA GLU A 46 8.47 4.38 28.62
C GLU A 46 9.64 3.96 27.71
N ASP A 47 10.08 2.70 27.82
CA ASP A 47 11.20 2.19 27.01
C ASP A 47 10.87 2.19 25.51
N PHE A 48 9.64 1.83 25.16
CA PHE A 48 9.19 1.83 23.77
C PHE A 48 9.11 3.28 23.25
N TYR A 49 8.49 4.18 24.02
CA TYR A 49 8.38 5.59 23.62
C TYR A 49 9.72 6.30 23.48
N LYS A 50 10.71 5.93 24.31
CA LYS A 50 12.07 6.47 24.23
C LYS A 50 12.75 6.11 22.90
N LYS A 51 12.63 4.86 22.47
CA LYS A 51 13.21 4.43 21.21
C LYS A 51 12.46 5.11 20.03
N LEU A 52 11.13 5.06 20.07
CA LEU A 52 10.27 5.64 19.05
C LEU A 52 10.54 7.12 18.81
N GLN A 53 10.45 7.92 19.86
CA GLN A 53 10.53 9.38 19.69
C GLN A 53 11.81 9.95 19.09
N GLY A 54 12.92 9.22 19.24
CA GLY A 54 14.19 9.58 18.60
C GLY A 54 14.45 8.88 17.28
N THR A 55 13.50 8.07 16.79
CA THR A 55 13.63 7.34 15.51
C THR A 55 13.17 8.23 14.35
N LYS A 56 14.05 8.42 13.36
CA LYS A 56 13.68 9.18 12.15
C LYS A 56 12.53 8.47 11.45
N LEU A 57 11.48 9.21 11.10
CA LEU A 57 10.35 8.67 10.37
C LEU A 57 10.63 8.82 8.86
N ASN A 58 11.76 8.26 8.43
CA ASN A 58 12.22 8.27 7.06
C ASN A 58 11.68 7.02 6.39
N TYR A 59 12.22 6.61 5.24
CA TYR A 59 11.73 5.37 4.59
C TYR A 59 12.07 4.10 5.40
N GLY A 60 13.17 4.13 6.15
CA GLY A 60 13.49 3.06 7.10
C GLY A 60 14.00 1.80 6.48
N TRP A 61 13.67 0.67 7.10
CA TRP A 61 14.06 -0.63 6.57
C TRP A 61 13.05 -0.96 5.47
N ILE A 62 13.44 -0.80 4.23
CA ILE A 62 12.54 -1.13 3.12
C ILE A 62 12.01 -2.58 3.16
N GLU A 63 12.89 -3.52 3.48
CA GLU A 63 12.59 -4.96 3.49
C GLU A 63 11.81 -5.41 4.75
N GLY A 64 11.79 -4.56 5.78
CA GLY A 64 11.35 -4.88 7.14
C GLY A 64 12.65 -4.92 7.96
N SER A 65 12.54 -4.62 9.26
CA SER A 65 13.70 -4.68 10.14
C SER A 65 14.32 -6.07 10.16
N PRO A 66 15.63 -6.17 10.45
CA PRO A 66 16.27 -7.47 10.66
C PRO A 66 15.51 -8.30 11.71
N ALA A 67 15.11 -7.69 12.84
CA ALA A 67 14.36 -8.42 13.90
C ALA A 67 13.00 -8.92 13.39
N PHE A 68 12.29 -8.08 12.62
CA PHE A 68 11.03 -8.50 11.99
C PHE A 68 11.22 -9.77 11.15
N LYS A 69 12.19 -9.72 10.22
CA LYS A 69 12.48 -10.85 9.31
C LYS A 69 12.89 -12.15 10.02
N LYS A 70 13.73 -12.04 11.04
CA LYS A 70 14.18 -13.19 11.83
C LYS A 70 12.99 -13.79 12.59
N SER A 71 12.16 -12.94 13.21
CA SER A 71 10.99 -13.43 13.96
C SER A 71 9.98 -14.08 13.02
N VAL A 72 9.71 -13.47 11.88
CA VAL A 72 8.77 -14.08 10.92
C VAL A 72 9.32 -15.45 10.43
N SER A 73 10.60 -15.48 10.07
CA SER A 73 11.23 -16.74 9.62
C SER A 73 11.10 -17.88 10.65
N GLN A 74 11.19 -17.56 11.93
CA GLN A 74 11.09 -18.54 13.00
C GLN A 74 9.68 -19.14 13.20
N LEU A 75 8.66 -18.51 12.64
CA LEU A 75 7.31 -19.05 12.64
C LEU A 75 7.18 -20.26 11.71
N TYR A 76 8.11 -20.41 10.77
CA TYR A 76 8.14 -21.50 9.81
C TYR A 76 9.29 -22.44 10.09
N THR A 77 9.22 -23.61 9.45
CA THR A 77 10.30 -24.57 9.41
C THR A 77 10.92 -24.44 8.03
N GLY A 78 12.24 -24.35 7.99
CA GLY A 78 12.99 -24.31 6.73
C GLY A 78 12.92 -23.04 5.91
N VAL A 79 12.60 -21.92 6.54
CA VAL A 79 12.51 -20.61 5.89
C VAL A 79 13.54 -19.68 6.56
N LYS A 80 14.40 -19.06 5.76
CA LYS A 80 15.40 -18.13 6.27
C LYS A 80 14.89 -16.69 6.27
N PRO A 81 15.51 -15.81 7.11
CA PRO A 81 15.14 -14.38 7.14
C PRO A 81 15.10 -13.68 5.77
N GLU A 82 16.05 -14.05 4.89
CA GLU A 82 16.18 -13.49 3.54
C GLU A 82 15.01 -13.82 2.62
N GLN A 83 14.21 -14.85 2.96
CA GLN A 83 13.02 -15.21 2.21
C GLN A 83 11.77 -14.40 2.60
N ILE A 84 11.89 -13.47 3.56
CA ILE A 84 10.75 -12.66 4.05
C ILE A 84 10.83 -11.25 3.56
N LEU A 85 9.74 -10.77 2.96
CA LEU A 85 9.60 -9.38 2.57
C LEU A 85 8.43 -8.82 3.35
N GLN A 86 8.65 -7.73 4.07
CA GLN A 86 7.58 -7.01 4.76
C GLN A 86 6.68 -6.28 3.75
N THR A 87 5.38 -6.28 4.03
CA THR A 87 4.38 -5.60 3.19
C THR A 87 3.39 -4.83 4.05
N ASN A 88 2.64 -3.94 3.42
CA ASN A 88 1.53 -3.23 4.07
C ASN A 88 0.31 -4.16 4.19
N GLY A 89 0.34 -5.03 5.18
CA GLY A 89 -0.68 -6.06 5.39
C GLY A 89 -0.59 -7.21 4.39
N ALA A 90 -1.48 -8.20 4.52
CA ALA A 90 -1.61 -9.29 3.55
C ALA A 90 -2.19 -8.77 2.23
N THR A 91 -2.99 -7.70 2.33
CA THR A 91 -3.54 -7.00 1.16
C THR A 91 -2.43 -6.53 0.28
N GLY A 92 -1.46 -5.85 0.88
CA GLY A 92 -0.30 -5.38 0.17
C GLY A 92 0.57 -6.50 -0.36
N ALA A 93 0.71 -7.59 0.39
CA ALA A 93 1.49 -8.77 -0.04
C ALA A 93 0.87 -9.49 -1.27
N ASN A 94 -0.44 -9.70 -1.25
CA ASN A 94 -1.18 -10.28 -2.39
C ASN A 94 -1.02 -9.45 -3.64
N LEU A 95 -1.16 -8.15 -3.51
CA LEU A 95 -0.96 -7.23 -4.59
C LEU A 95 0.48 -7.28 -5.13
N LEU A 96 1.48 -7.26 -4.25
CA LEU A 96 2.88 -7.30 -4.70
C LEU A 96 3.17 -8.56 -5.48
N VAL A 97 2.74 -9.72 -4.94
CA VAL A 97 2.93 -11.01 -5.63
C VAL A 97 2.26 -11.04 -7.03
N LEU A 98 1.03 -10.63 -7.09
CA LEU A 98 0.28 -10.71 -8.36
C LEU A 98 0.75 -9.70 -9.43
N TYR A 99 0.95 -8.46 -9.01
CA TYR A 99 1.47 -7.40 -9.88
C TYR A 99 2.89 -7.78 -10.39
N SER A 100 3.69 -8.39 -9.52
CA SER A 100 5.06 -8.82 -9.90
C SER A 100 5.10 -9.98 -10.89
N LEU A 101 4.28 -11.00 -10.65
CA LEU A 101 4.36 -12.27 -11.36
C LEU A 101 3.34 -12.57 -12.45
N ILE A 102 2.15 -11.97 -12.41
CA ILE A 102 1.10 -12.28 -13.39
C ILE A 102 1.20 -11.36 -14.58
N GLU A 103 1.30 -11.99 -15.75
CA GLU A 103 1.44 -11.33 -17.02
C GLU A 103 0.30 -11.67 -17.97
N PRO A 104 0.08 -10.82 -18.99
CA PRO A 104 -0.99 -11.08 -19.95
C PRO A 104 -0.81 -12.43 -20.63
N GLY A 105 -1.90 -13.19 -20.73
CA GLY A 105 -1.87 -14.51 -21.32
C GLY A 105 -1.63 -15.63 -20.32
N ASP A 106 -1.14 -15.34 -19.12
CA ASP A 106 -0.93 -16.37 -18.11
C ASP A 106 -2.27 -16.98 -17.66
N HIS A 107 -2.22 -18.26 -17.33
CA HIS A 107 -3.38 -18.98 -16.83
C HIS A 107 -3.24 -19.03 -15.29
N VAL A 108 -4.26 -18.53 -14.62
CA VAL A 108 -4.35 -18.48 -13.17
C VAL A 108 -5.63 -19.23 -12.75
N ILE A 109 -5.53 -20.15 -11.77
CA ILE A 109 -6.66 -20.85 -11.19
C ILE A 109 -6.81 -20.29 -9.77
N SER A 110 -8.01 -19.83 -9.42
CA SER A 110 -8.23 -19.28 -8.09
C SER A 110 -9.35 -20.00 -7.38
N LEU A 111 -9.13 -20.32 -6.10
CA LEU A 111 -10.14 -20.91 -5.22
C LEU A 111 -11.30 -19.91 -5.19
N TYR A 112 -12.54 -20.38 -5.13
CA TYR A 112 -13.70 -19.50 -5.16
C TYR A 112 -14.90 -20.13 -4.44
N PRO A 113 -15.66 -19.34 -3.63
CA PRO A 113 -15.44 -17.96 -3.25
C PRO A 113 -14.24 -17.91 -2.37
N THR A 114 -13.47 -16.84 -2.51
CA THR A 114 -12.25 -16.62 -1.75
C THR A 114 -12.05 -15.11 -1.65
N TYR A 115 -10.93 -14.72 -1.07
CA TYR A 115 -10.60 -13.31 -0.98
C TYR A 115 -10.50 -12.72 -2.41
N GLN A 116 -11.30 -11.67 -2.69
CA GLN A 116 -11.48 -11.13 -4.05
C GLN A 116 -10.26 -10.67 -4.87
N GLN A 117 -9.23 -10.22 -4.17
CA GLN A 117 -7.96 -9.88 -4.78
C GLN A 117 -7.42 -11.01 -5.66
N LEU A 118 -7.57 -12.23 -5.18
CA LEU A 118 -6.95 -13.41 -5.75
C LEU A 118 -7.40 -13.77 -7.15
N TYR A 119 -8.60 -13.37 -7.55
CA TYR A 119 -9.09 -13.59 -8.91
C TYR A 119 -9.27 -12.32 -9.75
N ASP A 120 -9.62 -11.19 -9.14
CA ASP A 120 -9.83 -9.94 -9.89
C ASP A 120 -8.55 -9.16 -10.28
N ILE A 121 -7.51 -9.21 -9.46
CA ILE A 121 -6.23 -8.61 -9.81
C ILE A 121 -5.64 -9.34 -11.02
N PRO A 122 -5.54 -10.68 -10.99
CA PRO A 122 -5.05 -11.39 -12.19
C PRO A 122 -5.85 -11.09 -13.46
N LYS A 123 -7.19 -11.01 -13.33
CA LYS A 123 -8.06 -10.69 -14.46
C LYS A 123 -7.78 -9.29 -15.01
N SER A 124 -7.48 -8.32 -14.14
CA SER A 124 -7.18 -6.94 -14.59
C SER A 124 -5.79 -6.83 -15.28
N LEU A 125 -4.88 -7.76 -14.96
CA LEU A 125 -3.54 -7.82 -15.58
C LEU A 125 -3.50 -8.62 -16.90
N GLY A 126 -4.65 -9.11 -17.37
CA GLY A 126 -4.75 -9.84 -18.63
C GLY A 126 -4.62 -11.36 -18.55
N ALA A 127 -4.66 -11.92 -17.34
CA ALA A 127 -4.59 -13.36 -17.17
C ALA A 127 -5.96 -13.99 -17.40
N GLU A 128 -5.93 -15.24 -17.88
CA GLU A 128 -7.13 -16.08 -18.01
C GLU A 128 -7.32 -16.72 -16.64
N VAL A 129 -8.39 -16.34 -15.93
CA VAL A 129 -8.69 -16.85 -14.60
C VAL A 129 -9.83 -17.87 -14.61
N ASP A 130 -9.56 -19.07 -14.11
CA ASP A 130 -10.59 -20.09 -13.89
C ASP A 130 -10.84 -20.15 -12.38
N LEU A 131 -12.11 -20.26 -11.99
CA LEU A 131 -12.49 -20.34 -10.59
C LEU A 131 -12.61 -21.82 -10.21
N TRP A 132 -11.94 -22.20 -9.11
CA TRP A 132 -11.94 -23.58 -8.60
C TRP A 132 -12.90 -23.51 -7.41
N GLN A 133 -14.09 -24.07 -7.61
CA GLN A 133 -15.23 -23.94 -6.70
C GLN A 133 -15.17 -24.77 -5.42
N ILE A 134 -15.39 -24.14 -4.25
CA ILE A 134 -15.55 -24.89 -3.00
C ILE A 134 -16.93 -25.56 -2.98
N GLU A 135 -17.03 -26.72 -2.31
CA GLU A 135 -18.27 -27.50 -2.23
C GLU A 135 -18.66 -27.79 -0.79
N GLU A 136 -19.85 -27.32 -0.40
CA GLU A 136 -20.41 -27.52 0.95
C GLU A 136 -20.50 -29.01 1.34
N GLU A 137 -20.85 -29.85 0.37
CA GLU A 137 -20.94 -31.31 0.58
C GLU A 137 -19.61 -31.99 0.97
N ASN A 138 -18.47 -31.35 0.68
CA ASN A 138 -17.13 -31.85 1.01
C ASN A 138 -16.43 -30.92 2.05
N GLY A 139 -17.19 -30.47 3.05
CA GLY A 139 -16.69 -29.58 4.12
C GLY A 139 -16.05 -28.27 3.64
N TRP A 140 -16.65 -27.69 2.61
CA TRP A 140 -16.18 -26.45 1.96
C TRP A 140 -14.82 -26.56 1.29
N LEU A 141 -14.36 -27.78 0.97
CA LEU A 141 -13.10 -27.95 0.27
C LEU A 141 -13.43 -28.00 -1.22
N PRO A 142 -12.53 -27.52 -2.08
CA PRO A 142 -12.80 -27.69 -3.51
C PRO A 142 -12.46 -29.14 -3.95
N ASP A 143 -12.80 -29.51 -5.17
CA ASP A 143 -12.61 -30.86 -5.67
C ASP A 143 -11.28 -30.94 -6.43
N LEU A 144 -10.37 -31.81 -5.97
CA LEU A 144 -9.08 -31.97 -6.64
C LEU A 144 -9.18 -32.50 -8.08
N GLU A 145 -10.20 -33.30 -8.40
CA GLU A 145 -10.37 -33.78 -9.78
C GLU A 145 -10.75 -32.62 -10.72
N LYS A 146 -11.55 -31.67 -10.23
CA LYS A 146 -11.85 -30.46 -11.01
C LYS A 146 -10.57 -29.64 -11.24
N LEU A 147 -9.68 -29.56 -10.24
CA LEU A 147 -8.37 -28.91 -10.44
C LEU A 147 -7.56 -29.59 -11.59
N ARG A 148 -7.50 -30.92 -11.60
CA ARG A 148 -6.79 -31.66 -12.68
C ARG A 148 -7.32 -31.33 -14.06
N GLN A 149 -8.65 -31.25 -14.14
CA GLN A 149 -9.32 -30.86 -15.38
C GLN A 149 -8.96 -29.43 -15.79
N LEU A 150 -8.92 -28.52 -14.81
CA LEU A 150 -8.63 -27.11 -15.08
C LEU A 150 -7.19 -26.81 -15.42
N ILE A 151 -6.23 -27.57 -14.90
CA ILE A 151 -4.82 -27.25 -15.05
C ILE A 151 -4.28 -27.55 -16.47
N ARG A 152 -3.44 -26.66 -16.97
CA ARG A 152 -2.82 -26.81 -18.30
C ARG A 152 -1.31 -26.93 -18.11
N PRO A 153 -0.56 -27.46 -19.13
CA PRO A 153 0.93 -27.56 -18.99
C PRO A 153 1.63 -26.20 -18.73
N THR A 154 0.95 -25.08 -19.05
CA THR A 154 1.47 -23.75 -18.86
C THR A 154 0.89 -22.98 -17.65
N THR A 155 -0.01 -23.55 -16.82
CA THR A 155 -0.61 -22.80 -15.67
C THR A 155 0.47 -22.14 -14.82
N LYS A 156 0.36 -20.82 -14.70
CA LYS A 156 1.34 -20.02 -14.00
C LYS A 156 1.17 -20.09 -12.48
N ILE A 158 -1.79 -21.01 -8.98
CA ILE A 158 -3.01 -21.43 -8.30
C ILE A 158 -3.08 -20.58 -7.02
N CYS A 159 -4.19 -19.90 -6.79
CA CYS A 159 -4.37 -19.05 -5.62
C CYS A 159 -5.36 -19.71 -4.66
N ILE A 160 -4.95 -19.86 -3.40
CA ILE A 160 -5.81 -20.36 -2.32
C ILE A 160 -5.73 -19.41 -1.12
N ASN A 161 -6.66 -19.65 -0.21
CA ASN A 161 -6.78 -18.96 1.04
C ASN A 161 -6.92 -20.10 2.07
N ASN A 162 -5.93 -20.30 2.95
CA ASN A 162 -5.95 -21.40 3.92
C ASN A 162 -5.68 -20.91 5.34
N ALA A 163 -6.65 -20.88 6.28
CA ALA A 163 -8.07 -21.23 6.15
C ALA A 163 -8.78 -20.28 5.18
N ASN A 164 -9.94 -20.69 4.68
CA ASN A 164 -10.65 -19.88 3.67
C ASN A 164 -11.61 -18.86 4.29
N ASN A 165 -11.74 -17.72 3.59
CA ASN A 165 -12.70 -16.66 3.89
C ASN A 165 -13.78 -16.88 2.80
N PRO A 166 -15.05 -17.08 3.17
CA PRO A 166 -15.73 -16.99 4.48
C PRO A 166 -15.95 -18.22 5.32
N THR A 167 -15.72 -19.39 4.74
CA THR A 167 -16.06 -20.68 5.34
C THR A 167 -15.34 -21.06 6.61
N GLY A 168 -14.08 -20.63 6.76
CA GLY A 168 -13.23 -21.09 7.89
C GLY A 168 -12.74 -22.54 7.75
N ALA A 169 -12.92 -23.15 6.57
CA ALA A 169 -12.46 -24.54 6.33
C ALA A 169 -10.97 -24.50 5.98
N VAL A 170 -10.23 -25.54 6.35
CA VAL A 170 -8.79 -25.64 6.06
C VAL A 170 -8.43 -26.90 5.32
N ASP A 172 -5.68 -29.53 5.22
CA ASP A 172 -4.60 -30.07 6.06
C ASP A 172 -3.42 -30.51 5.16
N ARG A 173 -2.36 -31.05 5.77
CA ARG A 173 -1.17 -31.50 5.06
C ARG A 173 -1.49 -32.48 3.93
N THR A 174 -2.35 -33.47 4.21
CA THR A 174 -2.75 -34.47 3.19
C THR A 174 -3.34 -33.79 1.96
N TYR A 175 -4.31 -32.90 2.18
CA TYR A 175 -4.98 -32.20 1.11
C TYR A 175 -4.02 -31.28 0.35
N LEU A 176 -3.24 -30.50 1.09
CA LEU A 176 -2.23 -29.58 0.52
C LEU A 176 -1.19 -30.32 -0.34
N GLU A 177 -0.79 -31.52 0.10
CA GLU A 177 0.17 -32.35 -0.67
C GLU A 177 -0.36 -32.81 -2.01
N GLU A 178 -1.63 -33.22 -2.05
CA GLU A 178 -2.28 -33.57 -3.33
C GLU A 178 -2.39 -32.34 -4.24
N LEU A 179 -2.69 -31.16 -3.67
CA LEU A 179 -2.71 -29.89 -4.41
C LEU A 179 -1.32 -29.58 -4.99
N VAL A 180 -0.30 -29.75 -4.14
CA VAL A 180 1.08 -29.53 -4.54
C VAL A 180 1.50 -30.45 -5.65
N GLU A 181 1.11 -31.74 -5.59
CA GLU A 181 1.47 -32.67 -6.64
C GLU A 181 0.87 -32.20 -8.00
N ILE A 182 -0.39 -31.78 -7.98
CA ILE A 182 -1.07 -31.32 -9.20
C ILE A 182 -0.35 -30.08 -9.75
N ALA A 183 -0.07 -29.12 -8.87
CA ALA A 183 0.67 -27.90 -9.25
C ALA A 183 2.09 -28.20 -9.80
N SER A 184 2.80 -29.08 -9.12
CA SER A 184 4.19 -29.45 -9.43
C SER A 184 4.40 -30.08 -10.79
N GLU A 185 3.37 -30.78 -11.29
CA GLU A 185 3.40 -31.41 -12.62
C GLU A 185 3.64 -30.41 -13.76
N VAL A 186 3.02 -29.23 -13.63
CA VAL A 186 3.11 -28.16 -14.65
C VAL A 186 4.03 -26.99 -14.21
N GLY A 187 4.72 -27.12 -13.06
CA GLY A 187 5.60 -26.07 -12.53
C GLY A 187 4.90 -24.81 -12.05
N ALA A 188 3.63 -24.91 -11.64
CA ALA A 188 2.84 -23.79 -11.21
C ALA A 188 3.18 -23.34 -9.79
N TYR A 189 3.25 -22.04 -9.58
CA TYR A 189 3.36 -21.51 -8.24
C TYR A 189 2.02 -21.69 -7.54
N ILE A 190 2.05 -21.73 -6.21
CA ILE A 190 0.83 -21.73 -5.40
C ILE A 190 0.95 -20.57 -4.44
N LEU A 191 0.07 -19.57 -4.60
CA LEU A 191 -0.02 -18.44 -3.69
C LEU A 191 -1.05 -18.84 -2.66
N SER A 192 -0.63 -18.83 -1.38
CA SER A 192 -1.49 -19.18 -0.28
C SER A 192 -1.55 -18.03 0.73
N ASP A 193 -2.72 -17.39 0.79
CA ASP A 193 -3.03 -16.35 1.73
C ASP A 193 -3.42 -17.09 3.02
N GLU A 194 -2.56 -16.97 4.03
CA GLU A 194 -2.66 -17.73 5.28
C GLU A 194 -2.92 -16.89 6.51
N VAL A 195 -3.59 -15.74 6.33
CA VAL A 195 -3.95 -14.84 7.42
C VAL A 195 -4.84 -15.51 8.47
N TYR A 196 -5.66 -16.50 8.08
CA TYR A 196 -6.46 -17.27 9.03
C TYR A 196 -5.73 -18.52 9.42
N ARG A 197 -5.10 -18.46 10.59
CA ARG A 197 -4.40 -19.60 11.15
C ARG A 197 -5.42 -20.42 11.88
N SER A 198 -5.35 -21.73 11.67
CA SER A 198 -6.23 -22.65 12.36
C SER A 198 -5.68 -22.86 13.77
N PHE A 199 -6.55 -22.75 14.75
CA PHE A 199 -6.20 -23.07 16.13
C PHE A 199 -6.57 -24.54 16.45
N SER A 200 -7.19 -25.26 15.50
CA SER A 200 -7.60 -26.68 15.65
C SER A 200 -6.43 -27.67 15.81
N GLU A 201 -6.80 -28.93 16.10
CA GLU A 201 -5.86 -30.06 16.21
C GLU A 201 -5.10 -30.35 14.89
N LEU A 202 -5.79 -30.15 13.76
CA LEU A 202 -5.28 -30.43 12.40
C LEU A 202 -3.83 -29.99 12.12
N ASP A 203 -3.17 -30.78 11.29
CA ASP A 203 -1.79 -30.57 10.88
C ASP A 203 -1.97 -29.69 9.64
N VAL A 204 -1.77 -28.38 9.80
CA VAL A 204 -1.92 -27.42 8.70
C VAL A 204 -0.60 -26.69 8.46
N PRO A 205 0.28 -27.25 7.63
CA PRO A 205 1.49 -26.51 7.35
C PRO A 205 1.24 -25.35 6.40
N SER A 206 2.21 -24.42 6.36
CA SER A 206 2.21 -23.35 5.36
C SER A 206 2.54 -23.94 3.99
N ILE A 207 2.05 -23.32 2.92
CA ILE A 207 2.39 -23.77 1.57
C ILE A 207 3.93 -23.76 1.35
N ILE A 208 4.64 -22.81 1.98
CA ILE A 208 6.08 -22.73 1.81
C ILE A 208 6.86 -23.90 2.48
N GLU A 209 6.22 -24.59 3.43
CA GLU A 209 6.84 -25.72 4.12
C GLU A 209 6.66 -27.03 3.38
N VAL A 210 5.74 -27.08 2.41
CA VAL A 210 5.51 -28.28 1.57
C VAL A 210 5.85 -28.10 0.10
N TYR A 211 6.06 -26.86 -0.40
CA TYR A 211 6.38 -26.66 -1.83
C TYR A 211 7.38 -25.55 -2.10
N ASP A 212 8.48 -25.83 -2.81
CA ASP A 212 9.50 -24.81 -3.13
CA ASP A 212 9.48 -24.82 -3.11
C ASP A 212 8.90 -23.64 -3.93
N LYS A 213 7.81 -23.90 -4.70
CA LYS A 213 7.11 -22.85 -5.45
C LYS A 213 5.83 -22.38 -4.71
N GLY A 214 5.79 -22.59 -3.39
CA GLY A 214 4.72 -22.05 -2.57
C GLY A 214 5.11 -20.63 -2.19
N ILE A 215 4.15 -19.73 -2.23
CA ILE A 215 4.32 -18.32 -1.87
C ILE A 215 3.32 -18.10 -0.74
N ALA A 216 3.84 -17.95 0.48
CA ALA A 216 3.02 -17.73 1.66
C ALA A 216 2.80 -16.23 1.89
N VAL A 217 1.55 -15.85 2.12
CA VAL A 217 1.15 -14.50 2.46
C VAL A 217 0.52 -14.57 3.82
N ASN A 218 0.90 -13.64 4.71
CA ASN A 218 0.34 -13.58 6.05
C ASN A 218 0.47 -12.17 6.62
N SER A 219 -0.10 -11.97 7.79
CA SER A 219 -0.03 -10.66 8.42
C SER A 219 -0.35 -10.71 9.89
N LEU A 220 -0.11 -9.59 10.57
CA LEU A 220 -0.45 -9.48 11.97
C LEU A 220 -1.90 -9.06 12.20
N SER A 221 -2.70 -8.94 11.15
CA SER A 221 -4.02 -8.34 11.24
C SER A 221 -5.12 -9.22 11.86
N THR A 223 -4.82 -12.98 12.77
CA THR A 223 -4.34 -13.87 13.80
C THR A 223 -3.72 -13.16 15.02
N TYR A 224 -3.08 -12.01 14.81
CA TYR A 224 -2.37 -11.31 15.89
C TYR A 224 -3.03 -10.03 16.39
N SER A 225 -4.27 -9.74 15.96
CA SER A 225 -5.11 -8.64 16.49
C SER A 225 -4.50 -7.20 16.37
N LEU A 226 -3.71 -6.97 15.31
CA LEU A 226 -3.07 -5.68 15.04
C LEU A 226 -3.27 -5.20 13.60
N PRO A 227 -4.52 -5.18 13.08
CA PRO A 227 -4.68 -4.68 11.71
C PRO A 227 -4.26 -3.22 11.48
N GLY A 228 -4.39 -2.39 12.52
CA GLY A 228 -4.07 -0.98 12.49
C GLY A 228 -2.64 -0.56 12.22
N ILE A 229 -1.68 -1.49 12.32
CA ILE A 229 -0.28 -1.24 11.90
C ILE A 229 0.00 -1.59 10.43
N ARG A 230 -0.91 -2.29 9.75
CA ARG A 230 -0.75 -2.64 8.34
C ARG A 230 0.60 -3.33 8.09
N ILE A 231 0.80 -4.45 8.77
CA ILE A 231 2.03 -5.21 8.62
C ILE A 231 1.76 -6.66 8.25
N GLY A 232 2.28 -7.01 7.07
CA GLY A 232 2.24 -8.37 6.57
C GLY A 232 3.58 -8.77 5.99
N TRP A 233 3.57 -9.95 5.38
CA TRP A 233 4.75 -10.42 4.68
C TRP A 233 4.41 -11.42 3.58
N VAL A 234 5.40 -11.59 2.72
CA VAL A 234 5.46 -12.63 1.72
C VAL A 234 6.64 -13.49 2.15
N ALA A 235 6.46 -14.81 2.15
CA ALA A 235 7.51 -15.78 2.36
C ALA A 235 7.58 -16.62 1.07
N ALA A 236 8.73 -16.62 0.39
CA ALA A 236 8.91 -17.45 -0.82
C ALA A 236 10.37 -17.83 -1.07
N ASN A 237 10.61 -18.63 -2.11
CA ASN A 237 11.98 -19.00 -2.48
C ASN A 237 12.79 -17.76 -2.95
N HIS A 238 14.11 -17.95 -3.08
CA HIS A 238 15.04 -16.87 -3.46
CA HIS A 238 15.02 -16.87 -3.48
C HIS A 238 14.67 -16.31 -4.86
N GLN A 239 14.30 -17.18 -5.81
CA GLN A 239 13.96 -16.70 -7.16
C GLN A 239 12.75 -15.76 -7.15
N VAL A 240 11.70 -16.14 -6.43
CA VAL A 240 10.50 -15.30 -6.32
C VAL A 240 10.78 -14.02 -5.53
N THR A 241 11.45 -14.13 -4.39
CA THR A 241 11.78 -12.99 -3.54
C THR A 241 12.58 -11.93 -4.30
N ASP A 242 13.56 -12.37 -5.10
CA ASP A 242 14.36 -11.47 -5.94
C ASP A 242 13.58 -10.71 -7.02
N ILE A 243 12.52 -11.33 -7.56
CA ILE A 243 11.65 -10.61 -8.50
C ILE A 243 10.85 -9.56 -7.70
N LEU A 244 10.17 -10.00 -6.64
CA LEU A 244 9.31 -9.12 -5.84
C LEU A 244 9.97 -7.85 -5.33
N ARG A 245 11.27 -7.94 -4.97
CA ARG A 245 12.02 -6.78 -4.47
C ARG A 245 12.06 -5.55 -5.39
N ASP A 246 11.98 -5.78 -6.70
CA ASP A 246 12.05 -4.74 -7.73
C ASP A 246 10.69 -4.13 -8.16
N TYR A 247 9.60 -4.57 -7.56
CA TYR A 247 8.24 -4.06 -7.84
C TYR A 247 7.56 -3.33 -6.66
N ARG A 248 8.22 -3.23 -5.49
CA ARG A 248 7.56 -2.63 -4.32
CA ARG A 248 7.62 -2.60 -4.29
C ARG A 248 7.15 -1.16 -4.51
N ASP A 249 7.88 -0.39 -5.33
CA ASP A 249 7.54 1.01 -5.58
C ASP A 249 6.29 1.19 -6.42
N TYR A 250 5.81 0.13 -7.06
CA TYR A 250 4.53 0.24 -7.74
C TYR A 250 3.36 0.22 -6.75
N THR A 251 3.53 -0.42 -5.59
CA THR A 251 2.41 -0.71 -4.69
C THR A 251 2.48 -0.07 -3.33
N ILE A 253 6.28 0.99 -1.83
CA ILE A 253 7.66 1.31 -1.43
C ILE A 253 8.02 0.48 -0.18
N CYS A 254 7.32 0.72 0.93
CA CYS A 254 7.54 0.00 2.17
C CYS A 254 6.40 0.27 3.17
N ALA A 255 6.42 -0.49 4.27
CA ALA A 255 5.49 -0.31 5.38
C ALA A 255 6.07 0.75 6.30
N GLY A 256 5.30 1.15 7.29
CA GLY A 256 5.71 2.21 8.18
C GLY A 256 6.81 1.88 9.20
N VAL A 257 7.52 2.91 9.65
CA VAL A 257 8.59 2.79 10.64
C VAL A 257 8.01 2.44 12.01
N PHE A 258 6.99 3.16 12.47
CA PHE A 258 6.35 2.82 13.75
C PHE A 258 5.70 1.44 13.65
N ASP A 259 5.02 1.24 12.54
CA ASP A 259 4.33 -0.02 12.23
C ASP A 259 5.28 -1.25 12.35
N ASP A 260 6.47 -1.16 11.75
CA ASP A 260 7.50 -2.20 11.90
C ASP A 260 7.99 -2.34 13.36
N LEU A 261 8.17 -1.24 14.08
CA LEU A 261 8.56 -1.30 15.51
C LEU A 261 7.56 -2.10 16.34
N VAL A 262 6.27 -1.82 16.13
CA VAL A 262 5.18 -2.53 16.80
C VAL A 262 5.17 -3.99 16.35
N ALA A 263 5.42 -4.27 15.06
CA ALA A 263 5.48 -5.65 14.55
C ALA A 263 6.62 -6.48 15.21
N GLN A 264 7.75 -5.83 15.45
CA GLN A 264 8.89 -6.48 16.15
C GLN A 264 8.53 -6.93 17.55
N LEU A 265 7.86 -6.04 18.29
CA LEU A 265 7.44 -6.34 19.66
C LEU A 265 6.40 -7.46 19.67
N ALA A 266 5.38 -7.34 18.82
CA ALA A 266 4.32 -8.35 18.72
C ALA A 266 4.92 -9.71 18.37
N LEU A 267 5.71 -9.75 17.29
CA LEU A 267 6.38 -11.00 16.88
C LEU A 267 7.31 -11.60 17.93
N ALA A 268 7.99 -10.76 18.72
CA ALA A 268 8.84 -11.26 19.84
C ALA A 268 8.02 -11.91 20.96
N HIS A 269 6.70 -11.63 21.00
CA HIS A 269 5.79 -12.21 21.97
C HIS A 269 4.58 -12.86 21.30
N TYR A 270 4.79 -13.46 20.13
CA TYR A 270 3.68 -14.03 19.34
C TYR A 270 2.90 -15.15 20.07
N GLN A 271 3.60 -15.94 20.88
CA GLN A 271 2.93 -17.02 21.61
C GLN A 271 1.92 -16.51 22.62
N GLU A 272 2.27 -15.42 23.32
CA GLU A 272 1.37 -14.75 24.26
C GLU A 272 0.08 -14.33 23.54
N ILE A 273 0.23 -13.74 22.35
CA ILE A 273 -0.91 -13.28 21.54
C ILE A 273 -1.75 -14.47 21.06
N LEU A 274 -1.09 -15.50 20.54
CA LEU A 274 -1.77 -16.73 20.11
C LEU A 274 -2.57 -17.37 21.25
N GLU A 275 -2.01 -17.39 22.47
CA GLU A 275 -2.72 -17.91 23.64
C GLU A 275 -3.96 -17.09 23.99
N ARG A 276 -3.82 -15.76 24.02
CA ARG A 276 -4.98 -14.87 24.21
C ARG A 276 -6.07 -15.17 23.15
N ASN A 277 -5.66 -15.23 21.89
CA ASN A 277 -6.60 -15.45 20.78
C ASN A 277 -7.20 -16.86 20.73
N ARG A 278 -6.42 -17.90 21.08
CA ARG A 278 -6.94 -19.29 21.13
CA ARG A 278 -6.93 -19.30 21.14
C ARG A 278 -8.13 -19.36 22.10
N HIS A 279 -7.98 -18.71 23.26
CA HIS A 279 -9.06 -18.68 24.25
C HIS A 279 -10.27 -17.88 23.77
N ILE A 280 -10.06 -16.74 23.10
CA ILE A 280 -11.19 -15.95 22.57
C ILE A 280 -11.96 -16.79 21.55
N LEU A 281 -11.22 -17.37 20.59
CA LEU A 281 -11.82 -18.24 19.57
C LEU A 281 -12.56 -19.45 20.13
N GLU A 282 -11.91 -20.19 21.04
CA GLU A 282 -12.50 -21.43 21.62
C GLU A 282 -13.78 -21.14 22.40
N GLU A 283 -13.71 -20.10 23.24
CA GLU A 283 -14.88 -19.67 24.01
C GLU A 283 -16.01 -19.17 23.11
N ASN A 284 -15.68 -18.29 22.18
CA ASN A 284 -16.71 -17.74 21.27
C ASN A 284 -17.30 -18.79 20.31
N LEU A 285 -16.47 -19.74 19.89
CA LEU A 285 -16.91 -20.80 18.99
C LEU A 285 -17.84 -21.75 19.75
N ALA A 286 -17.55 -22.01 21.03
CA ALA A 286 -18.43 -22.84 21.90
C ALA A 286 -19.80 -22.17 22.03
N ILE A 287 -19.83 -20.85 22.22
CA ILE A 287 -21.08 -20.07 22.28
C ILE A 287 -21.82 -20.16 20.94
N LEU A 288 -21.10 -20.00 19.82
CA LEU A 288 -21.70 -20.10 18.48
C LEU A 288 -22.23 -21.51 18.18
N ASP A 289 -21.47 -22.56 18.55
CA ASP A 289 -21.90 -23.97 18.34
C ASP A 289 -23.22 -24.27 19.05
N GLN A 290 -23.31 -23.90 20.32
CA GLN A 290 -24.53 -24.13 21.11
C GLN A 290 -25.72 -23.39 20.48
N TRP A 291 -25.51 -22.14 20.08
CA TRP A 291 -26.56 -21.32 19.45
C TRP A 291 -27.09 -21.93 18.13
N ILE A 292 -26.18 -22.33 17.23
CA ILE A 292 -26.55 -22.98 15.93
C ILE A 292 -27.44 -24.24 16.16
N GLU A 293 -27.12 -25.00 17.21
CA GLU A 293 -27.88 -26.20 17.56
C GLU A 293 -29.29 -25.93 18.09
N GLU A 294 -29.42 -24.88 18.92
CA GLU A 294 -30.72 -24.43 19.46
C GLU A 294 -31.65 -23.81 18.41
N GLU A 295 -31.09 -23.25 17.34
CA GLU A 295 -31.85 -22.60 16.25
C GLU A 295 -32.14 -23.59 15.11
N PRO A 296 -33.41 -23.95 14.88
CA PRO A 296 -33.73 -24.92 13.83
C PRO A 296 -33.55 -24.40 12.39
N LEU A 297 -33.67 -23.09 12.19
CA LEU A 297 -33.49 -22.46 10.85
C LEU A 297 -32.03 -22.23 10.42
N VAL A 298 -31.06 -22.46 11.31
CA VAL A 298 -29.65 -22.28 10.95
C VAL A 298 -28.80 -23.52 11.18
N SER A 299 -27.81 -23.66 10.29
CA SER A 299 -26.86 -24.77 10.32
C SER A 299 -25.58 -24.35 9.59
N TYR A 300 -24.50 -25.10 9.81
CA TYR A 300 -23.21 -24.84 9.16
C TYR A 300 -22.22 -25.98 9.28
N ILE A 301 -21.14 -25.84 8.51
CA ILE A 301 -19.97 -26.70 8.60
C ILE A 301 -19.09 -25.88 9.55
N ARG A 302 -18.89 -26.37 10.77
CA ARG A 302 -18.09 -25.69 11.81
C ARG A 302 -16.68 -25.31 11.28
N PRO A 303 -16.21 -24.06 11.51
CA PRO A 303 -14.87 -23.69 11.01
C PRO A 303 -13.78 -24.44 11.78
N ALA A 304 -12.56 -24.41 11.24
CA ALA A 304 -11.42 -25.12 11.83
C ALA A 304 -10.74 -24.25 12.89
N VAL A 305 -11.53 -23.82 13.88
CA VAL A 305 -11.12 -22.91 14.95
C VAL A 305 -10.38 -21.71 14.36
N VAL A 306 -11.12 -21.04 13.47
CA VAL A 306 -10.71 -19.84 12.75
C VAL A 306 -11.82 -18.78 12.94
N SER A 307 -11.44 -17.52 12.96
CA SER A 307 -12.36 -16.41 13.26
C SER A 307 -13.42 -16.00 12.22
N THR A 308 -13.78 -16.88 11.28
CA THR A 308 -14.84 -16.62 10.29
C THR A 308 -15.67 -17.89 10.10
N SER A 309 -16.99 -17.73 9.93
CA SER A 309 -17.90 -18.87 9.69
C SER A 309 -18.93 -18.47 8.63
N PHE A 310 -19.49 -19.48 7.95
CA PHE A 310 -20.45 -19.28 6.86
C PHE A 310 -21.67 -20.13 7.22
N VAL A 311 -22.71 -19.45 7.71
CA VAL A 311 -23.90 -20.07 8.25
C VAL A 311 -25.05 -20.07 7.25
N LYS A 312 -25.71 -21.24 7.11
CA LYS A 312 -26.84 -21.42 6.20
C LYS A 312 -28.13 -21.03 6.93
N ILE A 313 -28.90 -20.13 6.33
CA ILE A 313 -30.16 -19.65 6.90
C ILE A 313 -31.26 -20.35 6.07
N ALA A 314 -32.10 -21.16 6.72
CA ALA A 314 -33.21 -21.88 6.05
C ALA A 314 -34.46 -20.97 5.92
N VAL A 315 -34.32 -19.93 5.10
CA VAL A 315 -35.36 -18.95 4.79
C VAL A 315 -35.28 -18.67 3.29
N ASP A 316 -36.41 -18.78 2.60
CA ASP A 316 -36.51 -18.68 1.13
C ASP A 316 -36.48 -17.20 0.65
N PRO A 318 -33.57 -13.64 -0.46
CA PRO A 318 -32.21 -13.30 -0.88
C PRO A 318 -31.52 -12.66 0.32
N GLU A 320 -29.04 -10.72 0.74
CA GLU A 320 -28.85 -9.28 0.56
C GLU A 320 -30.03 -8.57 1.25
N ASP A 321 -31.25 -9.01 0.97
CA ASP A 321 -32.46 -8.44 1.59
C ASP A 321 -32.59 -8.82 3.09
N PHE A 322 -32.33 -10.08 3.44
CA PHE A 322 -32.38 -10.57 4.85
C PHE A 322 -31.48 -9.76 5.78
N CYS A 323 -30.23 -9.58 5.38
CA CYS A 323 -29.22 -8.85 6.18
C CYS A 323 -29.54 -7.35 6.31
N LEU A 324 -30.04 -6.74 5.25
CA LEU A 324 -30.46 -5.31 5.26
C LEU A 324 -31.56 -5.07 6.30
N GLN A 325 -32.60 -5.90 6.25
CA GLN A 325 -33.72 -5.84 7.21
C GLN A 325 -33.28 -6.15 8.64
N LEU A 326 -32.35 -7.10 8.78
CA LEU A 326 -31.77 -7.45 10.09
C LEU A 326 -31.06 -6.23 10.73
N LEU A 327 -30.30 -5.50 9.91
CA LEU A 327 -29.58 -4.27 10.29
C LEU A 327 -30.56 -3.11 10.56
N GLN A 328 -31.51 -2.92 9.64
CA GLN A 328 -32.56 -1.89 9.74
C GLN A 328 -33.31 -2.00 11.09
N GLU A 329 -33.76 -3.21 11.43
CA GLU A 329 -34.53 -3.48 12.68
C GLU A 329 -33.76 -3.60 14.01
N HIS A 330 -32.67 -4.37 14.03
CA HIS A 330 -31.91 -4.65 15.27
C HIS A 330 -30.48 -4.17 15.34
N GLY A 331 -29.91 -3.69 14.22
CA GLY A 331 -28.53 -3.22 14.16
C GLY A 331 -27.45 -4.31 14.15
N VAL A 332 -27.84 -5.52 13.70
CA VAL A 332 -26.94 -6.68 13.62
C VAL A 332 -26.41 -6.72 12.19
N LEU A 333 -25.08 -6.58 12.05
CA LEU A 333 -24.45 -6.59 10.73
C LEU A 333 -23.78 -7.94 10.49
N LEU A 334 -24.13 -8.57 9.37
CA LEU A 334 -23.52 -9.79 8.83
C LEU A 334 -23.15 -9.45 7.39
N VAL A 335 -22.42 -10.33 6.70
CA VAL A 335 -22.14 -10.14 5.26
C VAL A 335 -23.05 -11.15 4.54
N PRO A 336 -23.98 -10.68 3.69
CA PRO A 336 -24.88 -11.64 3.04
C PRO A 336 -24.16 -12.47 1.96
N GLY A 337 -24.51 -13.76 1.90
CA GLY A 337 -23.89 -14.76 1.03
C GLY A 337 -23.71 -14.42 -0.43
N ASN A 338 -24.66 -13.66 -0.99
CA ASN A 338 -24.58 -13.18 -2.38
C ASN A 338 -23.30 -12.38 -2.69
N ARG A 339 -22.71 -11.76 -1.65
CA ARG A 339 -21.42 -11.07 -1.74
C ARG A 339 -20.23 -12.05 -1.97
N PHE A 340 -20.46 -13.36 -1.85
CA PHE A 340 -19.47 -14.42 -2.17
C PHE A 340 -20.04 -15.35 -3.28
N GLU A 341 -21.09 -14.94 -3.99
CA GLU A 341 -21.80 -15.77 -4.99
C GLU A 341 -22.21 -17.17 -4.48
N ARG A 342 -22.76 -17.17 -3.26
CA ARG A 342 -23.31 -18.34 -2.59
C ARG A 342 -24.43 -17.77 -1.74
N ASP A 343 -25.57 -17.49 -2.37
CA ASP A 343 -26.73 -16.91 -1.68
C ASP A 343 -27.38 -18.05 -0.88
N GLY A 344 -28.10 -17.68 0.17
CA GLY A 344 -28.70 -18.64 1.12
C GLY A 344 -27.85 -18.79 2.39
N TYR A 345 -26.66 -18.16 2.43
CA TYR A 345 -25.75 -18.20 3.59
C TYR A 345 -25.38 -16.78 4.05
N VAL A 346 -24.77 -16.68 5.24
CA VAL A 346 -24.24 -15.39 5.75
C VAL A 346 -22.86 -15.58 6.41
N ARG A 347 -21.91 -14.68 6.15
CA ARG A 347 -20.60 -14.72 6.85
C ARG A 347 -20.81 -14.12 8.24
N LEU A 348 -20.39 -14.87 9.26
CA LEU A 348 -20.50 -14.47 10.67
C LEU A 348 -19.12 -14.56 11.32
N GLY A 349 -18.54 -13.38 11.61
CA GLY A 349 -17.28 -13.27 12.32
C GLY A 349 -17.60 -13.23 13.80
N PHE A 350 -17.13 -14.24 14.52
CA PHE A 350 -17.47 -14.46 15.93
C PHE A 350 -16.35 -14.17 16.91
N ALA A 351 -15.18 -13.74 16.43
CA ALA A 351 -14.05 -13.39 17.31
C ALA A 351 -14.07 -11.92 17.83
N CYS A 352 -15.25 -11.29 17.90
CA CYS A 352 -15.46 -9.94 18.47
C CYS A 352 -15.58 -10.08 20.01
N GLU A 353 -15.75 -8.97 20.75
CA GLU A 353 -15.91 -9.05 22.24
C GLU A 353 -17.11 -9.98 22.57
N GLN A 354 -16.89 -10.96 23.46
CA GLN A 354 -17.87 -12.02 23.79
C GLN A 354 -19.33 -11.57 23.94
N GLU A 355 -19.54 -10.45 24.64
CA GLU A 355 -20.89 -9.89 24.87
C GLU A 355 -21.58 -9.48 23.56
N THR A 356 -20.80 -8.90 22.64
CA THR A 356 -21.29 -8.45 21.32
C THR A 356 -21.85 -9.64 20.50
N LEU A 357 -21.10 -10.74 20.49
CA LEU A 357 -21.54 -11.99 19.86
C LEU A 357 -22.84 -12.50 20.51
N ILE A 358 -22.87 -12.55 21.84
CA ILE A 358 -24.07 -13.02 22.61
C ILE A 358 -25.32 -12.21 22.30
N LYS A 359 -25.21 -10.89 22.42
CA LYS A 359 -26.33 -9.99 22.14
C LYS A 359 -26.77 -9.98 20.67
N GLY A 360 -25.79 -10.08 19.77
CA GLY A 360 -26.02 -10.14 18.32
C GLY A 360 -26.82 -11.36 17.96
N LEU A 361 -26.38 -12.53 18.43
CA LEU A 361 -27.09 -13.80 18.21
C LEU A 361 -28.49 -13.75 18.83
N GLU A 362 -28.61 -13.24 20.06
CA GLU A 362 -29.93 -13.03 20.73
C GLU A 362 -30.89 -12.19 19.89
N LYS A 363 -30.39 -11.10 19.30
CA LYS A 363 -31.20 -10.24 18.39
C LYS A 363 -31.53 -10.95 17.06
N LEU A 364 -30.54 -11.68 16.50
CA LEU A 364 -30.76 -12.51 15.29
C LEU A 364 -31.79 -13.64 15.57
N SER A 365 -31.77 -14.19 16.78
CA SER A 365 -32.74 -15.22 17.22
C SER A 365 -34.18 -14.64 17.25
N GLN A 366 -34.33 -13.41 17.77
CA GLN A 366 -35.64 -12.72 17.75
C GLN A 366 -36.14 -12.50 16.31
N PHE A 367 -35.20 -12.18 15.40
CA PHE A 367 -35.48 -11.92 13.97
C PHE A 367 -35.95 -13.19 13.23
N LEU A 368 -35.25 -14.31 13.46
CA LEU A 368 -35.63 -15.61 12.87
C LEU A 368 -36.97 -16.19 13.34
N ARG A 369 -37.53 -15.70 14.46
CA ARG A 369 -38.81 -16.20 14.99
C ARG A 369 -39.98 -16.01 14.03
N ARG A 370 -40.02 -14.90 13.29
CA ARG A 370 -41.13 -14.64 12.35
C ARG A 370 -41.23 -15.63 11.16
N PHE A 371 -40.12 -16.30 10.86
CA PHE A 371 -40.06 -17.30 9.76
C PHE A 371 -40.57 -18.72 10.11
N ASP A 372 -41.23 -18.90 11.27
CA ASP A 372 -41.89 -20.17 11.68
C ASP A 372 -43.35 -19.92 11.95
N LYS B 3 3.69 -6.54 -20.38
CA LYS B 3 4.29 -7.11 -19.12
C LYS B 3 4.88 -5.98 -18.25
N LEU B 4 4.51 -5.89 -16.97
CA LEU B 4 5.01 -4.80 -16.09
C LEU B 4 6.52 -4.96 -15.82
N PRO B 5 7.35 -3.97 -16.23
CA PRO B 5 8.80 -4.10 -16.01
C PRO B 5 9.20 -3.73 -14.58
N ARG B 6 10.44 -4.09 -14.22
CA ARG B 6 11.00 -3.75 -12.91
C ARG B 6 11.07 -2.21 -12.77
N PHE B 7 10.86 -1.72 -11.56
CA PHE B 7 10.86 -0.26 -11.29
C PHE B 7 12.37 0.19 -11.32
N GLY B 8 12.78 0.93 -12.36
CA GLY B 8 14.20 1.31 -12.61
C GLY B 8 15.01 2.00 -11.50
N VAL B 9 14.45 3.08 -10.96
CA VAL B 9 15.08 3.83 -9.86
C VAL B 9 15.20 2.92 -8.63
N GLU B 10 14.17 2.10 -8.40
CA GLU B 10 14.10 1.15 -7.32
C GLU B 10 15.23 0.13 -7.39
N GLU B 11 15.45 -0.45 -8.57
CA GLU B 11 16.56 -1.41 -8.78
CA GLU B 11 16.54 -1.42 -8.72
C GLU B 11 17.88 -0.77 -8.37
N TRP B 12 18.11 0.45 -8.86
CA TRP B 12 19.35 1.19 -8.57
C TRP B 12 19.54 1.39 -7.06
N LEU B 13 18.49 1.87 -6.38
CA LEU B 13 18.54 2.09 -4.90
C LEU B 13 18.63 0.77 -4.10
N ASN B 14 17.89 -0.27 -4.47
CA ASN B 14 17.98 -1.57 -3.82
C ASN B 14 19.45 -2.07 -3.81
N VAL B 15 20.16 -1.94 -4.93
CA VAL B 15 21.52 -2.43 -5.01
C VAL B 15 22.53 -1.47 -4.34
N HIS B 16 22.33 -0.16 -4.44
CA HIS B 16 23.41 0.79 -4.07
C HIS B 16 23.29 1.71 -2.86
N GLU B 17 22.10 1.81 -2.29
CA GLU B 17 21.84 2.72 -1.17
CA GLU B 17 21.82 2.71 -1.16
C GLU B 17 22.74 2.46 0.04
N ASN B 18 22.93 1.18 0.37
CA ASN B 18 23.78 0.82 1.52
C ASN B 18 25.28 1.04 1.38
N SER B 19 25.76 1.35 0.16
CA SER B 19 27.16 1.69 -0.06
C SER B 19 27.39 3.20 0.01
N ALA B 20 26.33 4.00 0.18
CA ALA B 20 26.45 5.45 0.25
C ALA B 20 26.79 5.92 1.67
N ILE B 21 27.67 6.91 1.77
CA ILE B 21 27.89 7.69 3.01
C ILE B 21 27.20 9.07 2.82
N TYR B 22 27.25 9.65 1.60
CA TYR B 22 26.59 10.96 1.31
C TYR B 22 25.51 10.73 0.23
N ASP B 23 24.27 10.53 0.66
CA ASP B 23 23.14 10.22 -0.22
C ASP B 23 22.48 11.48 -0.71
N ILE B 24 22.84 11.87 -1.93
CA ILE B 24 22.25 13.02 -2.59
C ILE B 24 21.45 12.54 -3.77
N ALA B 25 20.87 11.34 -3.68
CA ALA B 25 20.07 10.73 -4.78
C ALA B 25 18.59 11.01 -4.73
N GLY B 26 18.10 11.63 -3.64
CA GLY B 26 16.70 11.97 -3.48
C GLY B 26 15.92 11.14 -2.49
N VAL B 27 16.57 10.17 -1.81
CA VAL B 27 15.91 9.34 -0.78
C VAL B 27 15.96 10.03 0.58
N SER B 28 17.06 10.73 0.88
CA SER B 28 17.25 11.45 2.13
C SER B 28 16.56 12.80 2.01
N ILE B 29 15.59 13.05 2.87
CA ILE B 29 14.78 14.31 2.82
C ILE B 29 14.61 15.04 4.18
N SER B 30 15.59 14.85 5.07
CA SER B 30 15.63 15.41 6.39
C SER B 30 14.32 15.08 7.11
N SER B 31 14.05 13.78 7.21
CA SER B 31 12.82 13.28 7.82
C SER B 31 12.73 13.67 9.31
N LEU B 32 11.52 13.99 9.74
CA LEU B 32 11.26 14.33 11.13
C LEU B 32 11.26 13.11 12.03
N THR B 33 11.72 13.32 13.27
CA THR B 33 11.55 12.36 14.34
C THR B 33 10.27 12.86 15.02
N LEU B 34 9.67 11.99 15.82
CA LEU B 34 8.44 12.35 16.56
C LEU B 34 8.76 13.46 17.55
N GLU B 35 9.94 13.39 18.18
CA GLU B 35 10.41 14.44 19.10
C GLU B 35 10.46 15.82 18.41
N GLU B 36 11.05 15.91 17.22
CA GLU B 36 11.10 17.19 16.47
CA GLU B 36 11.08 17.18 16.41
C GLU B 36 9.69 17.67 16.07
N LEU B 37 8.80 16.72 15.67
CA LEU B 37 7.41 17.06 15.32
C LEU B 37 6.71 17.66 16.55
N PHE B 38 6.86 17.03 17.71
CA PHE B 38 6.30 17.55 18.96
C PHE B 38 6.86 18.96 19.28
N ALA B 39 8.18 19.13 19.16
CA ALA B 39 8.84 20.41 19.46
C ALA B 39 8.31 21.52 18.58
N LEU B 40 8.27 21.29 17.27
CA LEU B 40 7.81 22.32 16.33
C LEU B 40 6.30 22.62 16.40
N SER B 41 5.50 21.64 16.81
CA SER B 41 4.03 21.80 16.92
C SER B 41 3.58 22.24 18.32
N GLY B 42 4.50 22.30 19.28
CA GLY B 42 4.16 22.65 20.66
C GLY B 42 3.31 21.60 21.38
N THR B 43 3.40 20.34 20.97
CA THR B 43 2.64 19.25 21.59
C THR B 43 3.38 18.71 22.81
N ASN B 44 2.64 18.39 23.86
CA ASN B 44 3.18 17.72 25.05
C ASN B 44 3.25 16.24 24.64
N PRO B 45 4.46 15.64 24.59
CA PRO B 45 4.56 14.22 24.21
C PRO B 45 3.65 13.24 24.99
N GLU B 46 3.55 13.41 26.30
CA GLU B 46 2.68 12.56 27.12
C GLU B 46 1.21 12.55 26.71
N ASP B 47 0.67 13.71 26.34
CA ASP B 47 -0.72 13.81 25.88
C ASP B 47 -0.93 12.98 24.59
N PHE B 48 0.03 13.04 23.68
CA PHE B 48 -0.02 12.27 22.44
C PHE B 48 0.05 10.75 22.74
N TYR B 49 0.99 10.33 23.61
CA TYR B 49 1.13 8.90 23.95
C TYR B 49 -0.08 8.35 24.68
N LYS B 50 -0.67 9.13 25.57
CA LYS B 50 -1.90 8.71 26.28
C LYS B 50 -3.04 8.54 25.26
N LYS B 51 -3.16 9.44 24.27
CA LYS B 51 -4.16 9.30 23.19
C LYS B 51 -3.87 7.99 22.41
N LEU B 52 -2.62 7.83 21.97
CA LEU B 52 -2.19 6.68 21.13
C LEU B 52 -2.45 5.34 21.78
N GLN B 53 -1.95 5.18 22.99
CA GLN B 53 -1.96 3.90 23.67
C GLN B 53 -3.32 3.31 24.07
N GLY B 54 -4.34 4.15 24.19
CA GLY B 54 -5.70 3.69 24.41
C GLY B 54 -6.48 3.53 23.09
N THR B 55 -5.85 3.79 21.94
CA THR B 55 -6.53 3.68 20.64
C THR B 55 -6.42 2.25 20.14
N LYS B 56 -7.56 1.62 19.83
CA LYS B 56 -7.54 0.26 19.25
C LYS B 56 -6.80 0.29 17.93
N LEU B 57 -5.90 -0.68 17.76
CA LEU B 57 -5.17 -0.88 16.51
C LEU B 57 -6.00 -1.81 15.63
N ASN B 58 -7.27 -1.45 15.42
CA ASN B 58 -8.18 -2.16 14.53
C ASN B 58 -8.00 -1.51 13.19
N TYR B 59 -8.88 -1.77 12.24
CA TYR B 59 -8.80 -1.08 10.93
C TYR B 59 -8.97 0.46 10.99
N GLY B 60 -9.59 0.97 12.06
CA GLY B 60 -9.68 2.40 12.29
C GLY B 60 -10.47 3.14 11.23
N TRP B 61 -9.99 4.34 10.88
CA TRP B 61 -10.65 5.20 9.93
C TRP B 61 -10.24 4.76 8.54
N ILE B 62 -11.09 3.94 7.94
CA ILE B 62 -10.81 3.32 6.62
C ILE B 62 -10.40 4.32 5.55
N GLU B 63 -11.05 5.47 5.51
CA GLU B 63 -10.76 6.45 4.50
C GLU B 63 -9.90 7.63 4.96
N GLY B 64 -9.42 7.58 6.20
CA GLY B 64 -8.70 8.66 6.87
C GLY B 64 -9.67 9.25 7.90
N SER B 65 -9.13 9.75 9.01
CA SER B 65 -9.95 10.34 10.07
C SER B 65 -10.67 11.62 9.61
N PRO B 66 -11.74 12.03 10.35
CA PRO B 66 -12.40 13.27 10.00
C PRO B 66 -11.44 14.47 10.06
N ALA B 67 -10.55 14.50 11.08
CA ALA B 67 -9.51 15.54 11.22
C ALA B 67 -8.59 15.58 10.02
N PHE B 68 -8.14 14.41 9.57
CA PHE B 68 -7.30 14.29 8.37
C PHE B 68 -7.96 14.84 7.10
N LYS B 69 -9.17 14.38 6.81
CA LYS B 69 -9.90 14.82 5.62
C LYS B 69 -10.13 16.31 5.62
N LYS B 70 -10.52 16.86 6.78
CA LYS B 70 -10.74 18.29 6.94
C LYS B 70 -9.45 19.07 6.73
N SER B 71 -8.38 18.70 7.44
CA SER B 71 -7.12 19.41 7.31
C SER B 71 -6.55 19.35 5.89
N VAL B 72 -6.63 18.17 5.25
CA VAL B 72 -6.17 18.02 3.86
C VAL B 72 -7.01 18.93 2.94
N SER B 73 -8.33 18.87 3.07
CA SER B 73 -9.20 19.71 2.23
C SER B 73 -8.86 21.22 2.35
N GLN B 74 -8.45 21.67 3.56
CA GLN B 74 -8.05 23.06 3.82
CA GLN B 74 -8.09 23.08 3.75
C GLN B 74 -6.74 23.47 3.14
N LEU B 75 -5.96 22.51 2.65
CA LEU B 75 -4.74 22.81 1.90
C LEU B 75 -5.12 23.33 0.50
N TYR B 76 -6.39 23.15 0.09
CA TYR B 76 -6.89 23.55 -1.22
C TYR B 76 -8.04 24.56 -1.12
N THR B 77 -8.34 25.20 -2.27
CA THR B 77 -9.50 26.08 -2.43
CA THR B 77 -9.48 26.08 -2.43
C THR B 77 -10.57 25.22 -3.14
N GLY B 78 -11.82 25.32 -2.69
CA GLY B 78 -12.93 24.61 -3.30
C GLY B 78 -13.01 23.11 -3.21
N VAL B 79 -12.30 22.50 -2.25
CA VAL B 79 -12.32 21.05 -2.05
C VAL B 79 -12.92 20.74 -0.68
N LYS B 80 -13.95 19.90 -0.66
CA LYS B 80 -14.61 19.50 0.56
C LYS B 80 -13.90 18.27 1.18
N PRO B 81 -13.98 18.11 2.52
CA PRO B 81 -13.44 16.91 3.19
C PRO B 81 -13.83 15.57 2.52
N GLU B 82 -15.07 15.47 2.03
CA GLU B 82 -15.61 14.25 1.40
C GLU B 82 -14.95 13.92 0.05
N GLN B 83 -14.21 14.86 -0.52
CA GLN B 83 -13.40 14.65 -1.73
C GLN B 83 -12.00 14.07 -1.49
N ILE B 84 -11.65 13.82 -0.22
CA ILE B 84 -10.35 13.31 0.20
C ILE B 84 -10.43 11.84 0.63
N LEU B 85 -9.54 11.00 0.08
CA LEU B 85 -9.39 9.61 0.48
C LEU B 85 -7.96 9.41 0.92
N GLN B 86 -7.77 8.92 2.14
CA GLN B 86 -6.42 8.60 2.63
C GLN B 86 -5.86 7.36 1.93
N THR B 87 -4.56 7.35 1.70
CA THR B 87 -3.87 6.24 1.05
C THR B 87 -2.52 5.97 1.72
N ASN B 88 -1.94 4.80 1.41
CA ASN B 88 -0.59 4.42 1.89
C ASN B 88 0.45 5.15 1.03
N GLY B 89 0.65 6.42 1.35
CA GLY B 89 1.50 7.30 0.58
C GLY B 89 0.90 7.69 -0.78
N ALA B 90 1.60 8.55 -1.48
CA ALA B 90 1.25 8.89 -2.87
C ALA B 90 1.39 7.64 -3.75
N THR B 91 2.28 6.71 -3.39
CA THR B 91 2.40 5.41 -4.09
C THR B 91 1.06 4.72 -4.18
N GLY B 92 0.42 4.56 -3.04
CA GLY B 92 -0.90 3.95 -2.96
C GLY B 92 -1.97 4.71 -3.69
N ALA B 93 -1.88 6.04 -3.66
CA ALA B 93 -2.85 6.92 -4.31
C ALA B 93 -2.76 6.84 -5.83
N ASN B 94 -1.55 6.91 -6.37
CA ASN B 94 -1.33 6.72 -7.82
C ASN B 94 -1.90 5.39 -8.30
N LEU B 95 -1.59 4.30 -7.60
CA LEU B 95 -2.08 2.96 -7.96
C LEU B 95 -3.61 2.89 -7.85
N LEU B 96 -4.18 3.42 -6.78
CA LEU B 96 -5.63 3.41 -6.61
C LEU B 96 -6.37 4.12 -7.78
N VAL B 97 -5.88 5.28 -8.17
CA VAL B 97 -6.48 6.04 -9.25
C VAL B 97 -6.34 5.31 -10.58
N LEU B 98 -5.13 4.83 -10.87
CA LEU B 98 -4.87 4.15 -12.15
C LEU B 98 -5.64 2.83 -12.22
N TYR B 99 -5.61 2.05 -11.16
CA TYR B 99 -6.33 0.77 -11.11
C TYR B 99 -7.86 0.97 -11.23
N SER B 100 -8.41 1.92 -10.47
CA SER B 100 -9.85 2.25 -10.52
C SER B 100 -10.39 2.74 -11.86
N LEU B 101 -9.64 3.60 -12.54
CA LEU B 101 -10.13 4.26 -13.74
C LEU B 101 -9.68 3.77 -15.11
N ILE B 102 -8.55 3.08 -15.20
CA ILE B 102 -8.03 2.66 -16.50
C ILE B 102 -8.63 1.28 -16.86
N GLU B 103 -9.23 1.19 -18.05
CA GLU B 103 -9.82 -0.03 -18.61
C GLU B 103 -8.97 -0.42 -19.85
N PRO B 104 -8.94 -1.74 -20.21
CA PRO B 104 -8.23 -2.17 -21.44
C PRO B 104 -8.72 -1.38 -22.65
N GLY B 105 -7.79 -0.99 -23.52
CA GLY B 105 -8.13 -0.20 -24.71
C GLY B 105 -8.19 1.31 -24.49
N ASP B 106 -8.18 1.80 -23.24
CA ASP B 106 -8.19 3.27 -22.99
C ASP B 106 -6.91 3.93 -23.46
N HIS B 107 -7.04 5.10 -24.08
CA HIS B 107 -5.86 5.90 -24.48
C HIS B 107 -5.47 6.78 -23.27
N VAL B 108 -4.19 6.70 -22.89
CA VAL B 108 -3.57 7.44 -21.78
C VAL B 108 -2.32 8.18 -22.30
N ILE B 109 -2.16 9.45 -21.95
CA ILE B 109 -0.99 10.24 -22.32
C ILE B 109 -0.19 10.48 -21.04
N SER B 110 1.10 10.14 -21.04
CA SER B 110 1.90 10.36 -19.86
C SER B 110 3.06 11.29 -20.09
N LEU B 111 3.28 12.21 -19.16
CA LEU B 111 4.51 13.01 -19.10
C LEU B 111 5.68 12.01 -19.08
N TYR B 112 6.80 12.34 -19.74
CA TYR B 112 7.91 11.39 -19.81
C TYR B 112 9.22 12.09 -20.10
N PRO B 113 10.30 11.80 -19.35
CA PRO B 113 10.34 10.91 -18.18
C PRO B 113 9.58 11.53 -17.02
N THR B 114 8.99 10.65 -16.22
CA THR B 114 8.30 11.03 -14.98
C THR B 114 8.33 9.82 -14.03
N TYR B 115 7.63 9.92 -12.92
CA TYR B 115 7.55 8.80 -11.96
C TYR B 115 6.98 7.58 -12.69
N GLN B 116 7.70 6.46 -12.63
CA GLN B 116 7.41 5.28 -13.42
C GLN B 116 6.00 4.67 -13.33
N GLN B 117 5.37 4.75 -12.15
CA GLN B 117 3.97 4.32 -11.97
C GLN B 117 3.04 4.90 -13.00
N LEU B 118 3.25 6.19 -13.29
CA LEU B 118 2.36 6.99 -14.12
C LEU B 118 2.12 6.50 -15.54
N TYR B 119 3.12 5.84 -16.14
CA TYR B 119 3.01 5.27 -17.49
C TYR B 119 3.05 3.73 -17.49
N ASP B 120 3.85 3.08 -16.65
CA ASP B 120 3.89 1.59 -16.63
C ASP B 120 2.67 0.86 -16.05
N ILE B 121 2.04 1.40 -15.02
CA ILE B 121 0.80 0.81 -14.50
C ILE B 121 -0.31 0.84 -15.58
N PRO B 122 -0.55 1.99 -16.23
CA PRO B 122 -1.57 1.98 -17.30
C PRO B 122 -1.31 0.93 -18.39
N LYS B 123 -0.05 0.77 -18.80
CA LYS B 123 0.32 -0.24 -19.83
C LYS B 123 -0.03 -1.65 -19.36
N SER B 124 0.30 -1.96 -18.10
CA SER B 124 -0.01 -3.30 -17.54
C SER B 124 -1.53 -3.60 -17.44
N LEU B 125 -2.34 -2.54 -17.36
CA LEU B 125 -3.81 -2.64 -17.32
C LEU B 125 -4.46 -2.62 -18.70
N GLY B 126 -3.64 -2.67 -19.77
CA GLY B 126 -4.11 -2.69 -21.14
C GLY B 126 -4.40 -1.37 -21.83
N ALA B 127 -3.90 -0.26 -21.27
CA ALA B 127 -4.05 1.06 -21.88
C ALA B 127 -3.04 1.25 -23.03
N GLU B 128 -3.41 2.00 -24.06
CA GLU B 128 -2.44 2.42 -25.08
C GLU B 128 -1.88 3.72 -24.51
N VAL B 129 -0.58 3.74 -24.22
CA VAL B 129 0.07 4.89 -23.65
C VAL B 129 1.01 5.67 -24.61
N ASP B 130 0.72 6.97 -24.83
CA ASP B 130 1.62 7.89 -25.55
C ASP B 130 2.42 8.69 -24.53
N LEU B 131 3.71 8.86 -24.83
CA LEU B 131 4.66 9.56 -23.96
C LEU B 131 4.78 11.01 -24.41
N TRP B 132 4.50 11.95 -23.49
CA TRP B 132 4.53 13.38 -23.77
C TRP B 132 5.88 13.87 -23.26
N GLN B 133 6.81 13.98 -24.19
CA GLN B 133 8.23 14.19 -23.90
C GLN B 133 8.65 15.55 -23.40
N ILE B 134 9.59 15.56 -22.48
CA ILE B 134 10.13 16.78 -21.92
C ILE B 134 11.55 16.97 -22.42
N GLU B 135 11.93 18.22 -22.61
CA GLU B 135 13.24 18.55 -23.10
C GLU B 135 13.88 19.66 -22.24
N GLU B 136 15.18 19.52 -21.95
CA GLU B 136 15.96 20.51 -21.18
C GLU B 136 15.85 21.91 -21.86
N GLU B 137 15.82 21.92 -23.19
CA GLU B 137 15.70 23.13 -24.02
C GLU B 137 14.47 23.96 -23.81
N ASN B 138 13.39 23.34 -23.31
CA ASN B 138 12.15 23.99 -22.93
C ASN B 138 12.02 24.01 -21.37
N GLY B 139 13.14 24.05 -20.64
CA GLY B 139 13.10 24.07 -19.17
C GLY B 139 12.47 22.83 -18.52
N TRP B 140 12.56 21.70 -19.23
CA TRP B 140 11.98 20.41 -18.82
C TRP B 140 10.45 20.37 -18.86
N LEU B 141 9.83 21.32 -19.54
CA LEU B 141 8.39 21.29 -19.74
C LEU B 141 8.12 20.68 -21.10
N PRO B 142 7.08 19.84 -21.21
CA PRO B 142 6.75 19.32 -22.53
C PRO B 142 6.02 20.37 -23.38
N ASP B 143 5.81 20.04 -24.65
CA ASP B 143 5.22 20.96 -25.60
C ASP B 143 3.70 20.79 -25.67
N LEU B 144 2.95 21.82 -25.27
CA LEU B 144 1.47 21.78 -25.31
C LEU B 144 0.94 21.63 -26.73
N GLU B 145 1.67 22.13 -27.74
CA GLU B 145 1.26 21.97 -29.12
C GLU B 145 1.37 20.49 -29.50
N LYS B 146 2.41 19.79 -29.04
CA LYS B 146 2.51 18.34 -29.25
C LYS B 146 1.37 17.59 -28.54
N LEU B 147 0.90 18.08 -27.38
CA LEU B 147 -0.27 17.48 -26.70
C LEU B 147 -1.53 17.58 -27.56
N ARG B 148 -1.72 18.71 -28.28
CA ARG B 148 -2.85 18.87 -29.20
CA ARG B 148 -2.86 18.86 -29.19
C ARG B 148 -2.84 17.81 -30.32
N GLN B 149 -1.64 17.36 -30.71
CA GLN B 149 -1.45 16.32 -31.74
C GLN B 149 -1.70 14.91 -31.17
N LEU B 150 -1.24 14.66 -29.95
CA LEU B 150 -1.44 13.37 -29.26
C LEU B 150 -2.87 13.13 -28.78
N ILE B 151 -3.59 14.18 -28.39
CA ILE B 151 -4.93 14.02 -27.82
C ILE B 151 -5.90 13.43 -28.86
N ARG B 152 -6.75 12.51 -28.41
CA ARG B 152 -7.77 11.87 -29.27
C ARG B 152 -9.11 12.15 -28.66
N PRO B 153 -10.19 11.99 -29.44
CA PRO B 153 -11.52 12.23 -28.85
C PRO B 153 -11.90 11.25 -27.72
N THR B 154 -11.23 10.10 -27.66
CA THR B 154 -11.45 9.05 -26.68
C THR B 154 -10.39 8.98 -25.55
N THR B 155 -9.44 9.93 -25.49
CA THR B 155 -8.36 9.93 -24.44
C THR B 155 -8.97 9.94 -23.02
N LYS B 156 -8.64 8.94 -22.22
CA LYS B 156 -9.25 8.75 -20.91
C LYS B 156 -8.60 9.66 -19.86
N ILE B 158 -4.70 12.05 -18.82
CA ILE B 158 -3.38 12.62 -19.03
C ILE B 158 -2.69 12.52 -17.65
N CYS B 159 -1.50 11.92 -17.57
CA CYS B 159 -0.76 11.81 -16.30
C CYS B 159 0.41 12.77 -16.25
N ILE B 160 0.47 13.58 -15.20
CA ILE B 160 1.58 14.50 -14.97
C ILE B 160 2.09 14.35 -13.54
N ASN B 161 3.28 14.90 -13.32
CA ASN B 161 3.95 14.94 -12.01
C ASN B 161 4.37 16.40 -11.89
N ASN B 162 3.82 17.12 -10.93
CA ASN B 162 4.03 18.55 -10.80
C ASN B 162 4.30 18.95 -9.34
N ALA B 163 5.53 19.30 -8.98
CA ALA B 163 6.73 19.37 -9.83
C ALA B 163 7.17 17.97 -10.28
N ASN B 164 7.92 17.91 -11.38
CA ASN B 164 8.33 16.64 -11.92
C ASN B 164 9.59 16.06 -11.26
N ASN B 165 9.59 14.74 -11.15
CA ASN B 165 10.70 13.92 -10.70
C ASN B 165 11.23 13.35 -12.04
N PRO B 166 12.51 13.57 -12.39
CA PRO B 166 13.64 14.14 -11.64
C PRO B 166 13.98 15.61 -11.71
N THR B 167 13.37 16.33 -12.63
CA THR B 167 13.81 17.69 -12.97
C THR B 167 13.54 18.81 -12.00
N GLY B 168 12.48 18.67 -11.19
CA GLY B 168 12.06 19.74 -10.30
C GLY B 168 11.41 20.91 -11.04
N ALA B 169 11.06 20.74 -12.32
CA ALA B 169 10.37 21.77 -13.11
C ALA B 169 8.88 21.69 -12.81
N VAL B 170 8.19 22.83 -12.85
CA VAL B 170 6.77 22.92 -12.60
C VAL B 170 5.98 23.58 -13.70
N ASP B 172 3.04 26.01 -14.03
CA ASP B 172 2.31 27.04 -13.28
C ASP B 172 0.84 27.14 -13.72
N ARG B 173 0.08 28.06 -13.11
CA ARG B 173 -1.33 28.20 -13.44
C ARG B 173 -1.59 28.39 -14.94
N THR B 174 -0.85 29.28 -15.58
CA THR B 174 -1.03 29.57 -17.01
C THR B 174 -0.88 28.31 -17.87
N TYR B 175 0.18 27.56 -17.61
CA TYR B 175 0.50 26.33 -18.30
C TYR B 175 -0.62 25.33 -17.99
N LEU B 176 -0.92 25.10 -16.70
CA LEU B 176 -2.00 24.18 -16.30
C LEU B 176 -3.36 24.53 -16.92
N GLU B 177 -3.68 25.82 -17.05
CA GLU B 177 -4.94 26.25 -17.69
C GLU B 177 -5.04 25.88 -19.19
N GLU B 178 -3.90 25.92 -19.88
CA GLU B 178 -3.84 25.55 -21.29
C GLU B 178 -3.98 24.01 -21.39
N LEU B 179 -3.26 23.28 -20.54
CA LEU B 179 -3.41 21.82 -20.42
C LEU B 179 -4.87 21.40 -20.16
N VAL B 180 -5.52 22.08 -19.22
CA VAL B 180 -6.92 21.81 -18.86
C VAL B 180 -7.86 22.09 -20.03
N GLU B 181 -7.61 23.15 -20.79
CA GLU B 181 -8.41 23.49 -21.98
C GLU B 181 -8.34 22.32 -22.97
N ILE B 182 -7.12 21.84 -23.23
CA ILE B 182 -6.86 20.71 -24.17
C ILE B 182 -7.56 19.44 -23.68
N ALA B 183 -7.40 19.12 -22.40
CA ALA B 183 -8.07 17.95 -21.82
C ALA B 183 -9.62 18.06 -21.85
N SER B 184 -10.15 19.25 -21.55
CA SER B 184 -11.60 19.50 -21.51
C SER B 184 -12.30 19.23 -22.85
N GLU B 185 -11.63 19.57 -23.96
CA GLU B 185 -12.15 19.37 -25.32
C GLU B 185 -12.63 17.95 -25.59
N VAL B 186 -11.86 16.95 -25.12
CA VAL B 186 -12.21 15.53 -25.25
C VAL B 186 -12.66 14.85 -23.92
N GLY B 187 -12.86 15.63 -22.85
CA GLY B 187 -13.27 15.13 -21.54
C GLY B 187 -12.31 14.22 -20.76
N ALA B 188 -11.01 14.28 -21.07
CA ALA B 188 -10.01 13.43 -20.39
C ALA B 188 -9.75 13.88 -18.93
N TYR B 189 -9.50 12.93 -18.03
CA TYR B 189 -9.14 13.26 -16.64
C TYR B 189 -7.68 13.66 -16.65
N ILE B 190 -7.23 14.41 -15.64
CA ILE B 190 -5.81 14.67 -15.48
C ILE B 190 -5.39 14.23 -14.08
N LEU B 191 -4.53 13.20 -14.02
CA LEU B 191 -3.95 12.72 -12.78
C LEU B 191 -2.70 13.55 -12.59
N SER B 192 -2.61 14.25 -11.46
CA SER B 192 -1.42 15.05 -11.13
C SER B 192 -0.82 14.60 -9.79
N ASP B 193 0.34 13.96 -9.86
CA ASP B 193 1.12 13.56 -8.70
C ASP B 193 1.85 14.85 -8.24
N GLU B 194 1.42 15.38 -7.09
CA GLU B 194 1.90 16.66 -6.57
C GLU B 194 2.74 16.57 -5.28
N VAL B 195 3.46 15.47 -5.11
CA VAL B 195 4.31 15.26 -3.93
C VAL B 195 5.41 16.32 -3.76
N TYR B 196 5.92 16.85 -4.86
CA TYR B 196 6.90 17.95 -4.80
C TYR B 196 6.24 19.31 -4.98
N ARG B 197 5.99 19.96 -3.84
CA ARG B 197 5.44 21.32 -3.77
C ARG B 197 6.54 22.34 -4.05
N SER B 198 6.30 23.25 -5.00
CA SER B 198 7.23 24.33 -5.27
C SER B 198 7.16 25.39 -4.16
N PHE B 199 8.33 25.85 -3.72
CA PHE B 199 8.44 26.95 -2.77
C PHE B 199 8.79 28.28 -3.49
N SER B 200 8.69 28.30 -4.82
CA SER B 200 8.94 29.50 -5.64
C SER B 200 7.76 30.47 -5.57
N GLU B 201 7.95 31.65 -6.17
CA GLU B 201 6.91 32.67 -6.27
C GLU B 201 5.90 32.38 -7.38
N LEU B 202 6.10 31.31 -8.17
CA LEU B 202 5.14 30.96 -9.22
C LEU B 202 3.83 30.53 -8.58
N ASP B 203 2.71 30.85 -9.26
CA ASP B 203 1.38 30.41 -8.86
C ASP B 203 1.27 28.99 -9.39
N VAL B 204 1.33 28.02 -8.48
CA VAL B 204 1.22 26.58 -8.84
C VAL B 204 -0.02 25.96 -8.14
N PRO B 205 -1.20 26.10 -8.77
CA PRO B 205 -2.35 25.48 -8.16
C PRO B 205 -2.30 23.97 -8.33
N SER B 206 -3.07 23.25 -7.52
CA SER B 206 -3.28 21.82 -7.72
C SER B 206 -4.18 21.67 -8.96
N ILE B 207 -4.04 20.54 -9.65
CA ILE B 207 -4.90 20.28 -10.82
C ILE B 207 -6.42 20.33 -10.48
N ILE B 208 -6.76 19.93 -9.26
CA ILE B 208 -8.15 19.93 -8.78
C ILE B 208 -8.68 21.37 -8.59
N GLU B 209 -7.78 22.35 -8.37
CA GLU B 209 -8.17 23.76 -8.27
C GLU B 209 -8.44 24.42 -9.65
N VAL B 210 -8.02 23.79 -10.74
CA VAL B 210 -8.23 24.35 -12.11
C VAL B 210 -9.07 23.47 -13.02
N TYR B 211 -9.52 22.29 -12.53
CA TYR B 211 -10.26 21.34 -13.37
C TYR B 211 -11.16 20.38 -12.58
N ASP B 212 -12.47 20.36 -12.90
CA ASP B 212 -13.40 19.45 -12.21
CA ASP B 212 -13.43 19.45 -12.26
C ASP B 212 -12.99 17.98 -12.36
N LYS B 213 -12.32 17.62 -13.48
CA LYS B 213 -11.78 16.26 -13.71
C LYS B 213 -10.26 16.13 -13.41
N GLY B 214 -9.76 17.06 -12.58
CA GLY B 214 -8.40 17.02 -12.06
C GLY B 214 -8.43 16.04 -10.89
N ILE B 215 -7.43 15.16 -10.81
CA ILE B 215 -7.31 14.18 -9.73
C ILE B 215 -5.94 14.44 -9.13
N ALA B 216 -5.91 15.00 -7.92
CA ALA B 216 -4.66 15.37 -7.23
C ALA B 216 -4.19 14.26 -6.30
N VAL B 217 -2.92 13.88 -6.42
CA VAL B 217 -2.29 12.91 -5.55
C VAL B 217 -1.21 13.66 -4.78
N ASN B 218 -1.12 13.40 -3.48
CA ASN B 218 -0.09 14.05 -2.67
C ASN B 218 0.17 13.21 -1.42
N SER B 219 1.16 13.64 -0.64
CA SER B 219 1.52 12.94 0.58
C SER B 219 2.33 13.78 1.53
N LEU B 220 2.48 13.21 2.72
CA LEU B 220 3.31 13.81 3.75
C LEU B 220 4.78 13.39 3.65
N SER B 221 5.14 12.57 2.64
CA SER B 221 6.48 12.03 2.52
C SER B 221 7.60 12.99 2.10
N THR B 223 7.20 16.66 0.82
CA THR B 223 7.07 18.04 1.29
C THR B 223 7.01 18.22 2.80
N TYR B 224 6.46 17.25 3.54
CA TYR B 224 6.28 17.34 4.98
C TYR B 224 7.21 16.48 5.86
N SER B 225 8.23 15.88 5.24
CA SER B 225 9.27 15.14 5.94
C SER B 225 8.85 13.93 6.82
N LEU B 226 7.79 13.23 6.40
CA LEU B 226 7.29 12.07 7.15
C LEU B 226 7.03 10.85 6.25
N PRO B 227 8.02 10.45 5.44
CA PRO B 227 7.76 9.23 4.64
C PRO B 227 7.49 7.95 5.44
N GLY B 228 8.03 7.86 6.65
CA GLY B 228 7.85 6.71 7.52
C GLY B 228 6.48 6.36 8.06
N ILE B 229 5.51 7.27 7.92
CA ILE B 229 4.12 7.00 8.29
C ILE B 229 3.29 6.47 7.11
N ARG B 230 3.82 6.55 5.87
CA ARG B 230 3.14 6.10 4.64
C ARG B 230 1.69 6.66 4.57
N ILE B 231 1.57 7.97 4.52
CA ILE B 231 0.29 8.66 4.47
C ILE B 231 0.29 9.61 3.29
N GLY B 232 -0.65 9.36 2.40
CA GLY B 232 -0.94 10.26 1.30
C GLY B 232 -2.45 10.36 1.14
N TRP B 233 -2.84 10.93 0.02
CA TRP B 233 -4.24 11.04 -0.34
C TRP B 233 -4.48 11.31 -1.82
N VAL B 234 -5.72 11.09 -2.20
CA VAL B 234 -6.27 11.47 -3.49
C VAL B 234 -7.35 12.51 -3.20
N ALA B 235 -7.34 13.61 -3.95
CA ALA B 235 -8.40 14.63 -3.93
C ALA B 235 -9.05 14.58 -5.32
N ALA B 236 -10.37 14.44 -5.40
CA ALA B 236 -11.04 14.39 -6.72
C ALA B 236 -12.49 14.80 -6.61
N ASN B 237 -13.20 14.92 -7.73
CA ASN B 237 -14.64 15.26 -7.67
C ASN B 237 -15.42 14.13 -6.95
N HIS B 238 -16.69 14.41 -6.64
CA HIS B 238 -17.57 13.48 -5.94
C HIS B 238 -17.71 12.16 -6.69
N GLN B 239 -17.94 12.23 -8.00
CA GLN B 239 -18.16 11.05 -8.85
C GLN B 239 -16.92 10.13 -8.87
N VAL B 240 -15.73 10.70 -9.04
CA VAL B 240 -14.46 9.94 -9.03
C VAL B 240 -14.19 9.34 -7.64
N THR B 241 -14.35 10.14 -6.60
CA THR B 241 -14.16 9.70 -5.21
C THR B 241 -15.04 8.48 -4.87
N ASP B 242 -16.31 8.51 -5.31
CA ASP B 242 -17.22 7.37 -5.13
C ASP B 242 -16.72 6.12 -5.86
N ILE B 243 -16.08 6.27 -7.02
CA ILE B 243 -15.51 5.12 -7.75
C ILE B 243 -14.30 4.57 -6.98
N LEU B 244 -13.36 5.44 -6.66
CA LEU B 244 -12.14 5.06 -5.95
C LEU B 244 -12.40 4.33 -4.63
N ARG B 245 -13.44 4.77 -3.93
CA ARG B 245 -13.88 4.17 -2.67
C ARG B 245 -14.19 2.65 -2.76
N ASP B 246 -14.71 2.20 -3.90
CA ASP B 246 -15.06 0.79 -4.11
C ASP B 246 -13.87 -0.14 -4.45
N TYR B 247 -12.65 0.40 -4.63
CA TYR B 247 -11.47 -0.38 -4.99
C TYR B 247 -10.35 -0.45 -3.94
N ARG B 248 -10.46 0.27 -2.81
CA ARG B 248 -9.37 0.34 -1.80
C ARG B 248 -8.88 -0.97 -1.18
N ASP B 249 -9.75 -1.97 -1.07
CA ASP B 249 -9.35 -3.30 -0.56
C ASP B 249 -8.53 -4.10 -1.58
N TYR B 250 -8.38 -3.60 -2.80
CA TYR B 250 -7.52 -4.27 -3.74
C TYR B 250 -6.08 -4.01 -3.46
N THR B 251 -5.82 -2.83 -2.90
CA THR B 251 -4.47 -2.33 -2.79
C THR B 251 -3.93 -2.06 -1.41
N ILE B 253 -6.65 -1.55 1.73
CA ILE B 253 -7.74 -1.45 2.75
C ILE B 253 -7.70 -0.03 3.38
N CYS B 254 -6.61 0.27 4.07
CA CYS B 254 -6.41 1.54 4.72
C CYS B 254 -4.96 1.70 5.12
N ALA B 255 -4.65 2.91 5.54
CA ALA B 255 -3.34 3.27 6.08
C ALA B 255 -3.42 3.00 7.58
N GLY B 256 -2.34 3.16 8.31
CA GLY B 256 -2.34 2.83 9.73
C GLY B 256 -3.02 3.81 10.66
N VAL B 257 -3.37 3.32 11.86
CA VAL B 257 -3.99 4.09 12.95
C VAL B 257 -3.01 5.11 13.52
N PHE B 258 -1.81 4.68 13.89
CA PHE B 258 -0.77 5.59 14.37
C PHE B 258 -0.42 6.55 13.26
N ASP B 259 -0.32 6.00 12.05
CA ASP B 259 0.07 6.78 10.88
C ASP B 259 -0.89 7.95 10.65
N ASP B 260 -2.19 7.69 10.75
CA ASP B 260 -3.22 8.71 10.65
C ASP B 260 -3.13 9.70 11.83
N LEU B 261 -2.87 9.19 13.05
CA LEU B 261 -2.70 10.08 14.22
C LEU B 261 -1.56 11.10 14.04
N VAL B 262 -0.41 10.61 13.57
CA VAL B 262 0.72 11.48 13.27
C VAL B 262 0.35 12.45 12.11
N ALA B 263 -0.36 11.95 11.09
CA ALA B 263 -0.80 12.78 9.96
C ALA B 263 -1.67 13.93 10.45
N GLN B 264 -2.63 13.63 11.33
CA GLN B 264 -3.51 14.66 11.93
C GLN B 264 -2.73 15.80 12.58
N LEU B 265 -1.74 15.42 13.40
CA LEU B 265 -0.86 16.38 14.10
C LEU B 265 -0.01 17.18 13.13
N ALA B 266 0.63 16.51 12.17
CA ALA B 266 1.45 17.22 11.15
C ALA B 266 0.65 18.23 10.33
N LEU B 267 -0.48 17.77 9.79
CA LEU B 267 -1.39 18.62 9.01
C LEU B 267 -1.97 19.81 9.84
N ALA B 268 -2.25 19.58 11.13
CA ALA B 268 -2.69 20.68 12.00
C ALA B 268 -1.60 21.73 12.21
N HIS B 269 -0.33 21.39 11.91
CA HIS B 269 0.81 22.29 12.02
C HIS B 269 1.61 22.35 10.71
N TYR B 270 0.91 22.32 9.58
CA TYR B 270 1.55 22.22 8.28
C TYR B 270 2.41 23.46 7.95
N GLN B 271 1.95 24.62 8.38
CA GLN B 271 2.63 25.89 8.17
CA GLN B 271 2.69 25.87 8.09
C GLN B 271 4.03 25.87 8.81
N GLU B 272 4.12 25.30 10.02
CA GLU B 272 5.40 25.20 10.76
C GLU B 272 6.39 24.22 10.06
N ILE B 273 5.85 23.13 9.51
CA ILE B 273 6.67 22.16 8.76
C ILE B 273 7.14 22.80 7.46
N LEU B 274 6.25 23.51 6.76
CA LEU B 274 6.60 24.21 5.51
C LEU B 274 7.66 25.28 5.79
N GLU B 275 7.54 26.00 6.90
CA GLU B 275 8.54 27.02 7.30
C GLU B 275 9.91 26.35 7.56
N ARG B 276 9.96 25.23 8.29
CA ARG B 276 11.23 24.46 8.51
C ARG B 276 11.82 24.04 7.20
N ASN B 277 10.98 23.44 6.35
CA ASN B 277 11.43 22.89 5.08
C ASN B 277 11.83 23.91 4.04
N ARG B 278 11.16 25.05 4.01
CA ARG B 278 11.57 26.15 3.14
C ARG B 278 13.00 26.59 3.46
N HIS B 279 13.33 26.71 4.75
CA HIS B 279 14.68 27.12 5.15
CA HIS B 279 14.69 27.12 5.15
C HIS B 279 15.73 26.09 4.69
N ILE B 280 15.46 24.81 4.91
CA ILE B 280 16.38 23.72 4.49
C ILE B 280 16.62 23.77 2.98
N LEU B 281 15.53 23.79 2.24
CA LEU B 281 15.55 23.82 0.78
C LEU B 281 16.23 25.08 0.20
N GLU B 282 15.87 26.25 0.71
CA GLU B 282 16.50 27.51 0.24
C GLU B 282 18.00 27.55 0.55
N GLU B 283 18.36 27.23 1.80
CA GLU B 283 19.77 27.17 2.22
C GLU B 283 20.52 26.14 1.35
N ASN B 284 19.97 24.93 1.19
CA ASN B 284 20.59 23.89 0.36
C ASN B 284 20.62 24.21 -1.13
N LEU B 285 19.56 24.82 -1.66
CA LEU B 285 19.56 25.26 -3.09
C LEU B 285 20.61 26.36 -3.32
N ALA B 286 20.78 27.24 -2.33
CA ALA B 286 21.82 28.29 -2.38
C ALA B 286 23.21 27.65 -2.46
N ILE B 287 23.43 26.60 -1.67
CA ILE B 287 24.69 25.84 -1.69
C ILE B 287 24.90 25.18 -3.06
N LEU B 288 23.85 24.54 -3.60
CA LEU B 288 23.91 23.85 -4.90
C LEU B 288 24.21 24.82 -6.03
N ASP B 289 23.45 25.93 -6.10
CA ASP B 289 23.67 26.97 -7.13
C ASP B 289 25.11 27.48 -7.17
N GLN B 290 25.68 27.76 -5.98
CA GLN B 290 27.04 28.27 -5.86
C GLN B 290 28.02 27.23 -6.42
N TRP B 291 27.84 25.96 -6.02
CA TRP B 291 28.64 24.83 -6.54
C TRP B 291 28.50 24.62 -8.06
N ILE B 292 27.28 24.69 -8.57
CA ILE B 292 27.03 24.57 -10.03
C ILE B 292 27.84 25.62 -10.84
N GLU B 293 27.87 26.86 -10.34
CA GLU B 293 28.59 27.96 -10.99
C GLU B 293 30.13 27.79 -10.89
N GLU B 294 30.61 27.38 -9.72
CA GLU B 294 32.03 27.15 -9.49
C GLU B 294 32.57 25.94 -10.27
N GLU B 295 31.71 24.95 -10.57
CA GLU B 295 32.09 23.74 -11.35
C GLU B 295 31.89 23.94 -12.84
N PRO B 296 32.99 24.03 -13.63
CA PRO B 296 32.84 24.18 -15.09
C PRO B 296 32.25 22.97 -15.86
N LEU B 297 32.33 21.76 -15.33
CA LEU B 297 31.78 20.56 -15.99
C LEU B 297 30.28 20.30 -15.67
N VAL B 298 29.66 21.11 -14.81
CA VAL B 298 28.25 20.91 -14.44
C VAL B 298 27.37 22.14 -14.70
N SER B 299 26.15 21.86 -15.14
CA SER B 299 25.12 22.88 -15.40
C SER B 299 23.73 22.24 -15.28
N TYR B 300 22.72 23.09 -15.09
CA TYR B 300 21.32 22.62 -15.03
C TYR B 300 20.30 23.70 -15.28
N ILE B 301 19.06 23.25 -15.50
CA ILE B 301 17.87 24.10 -15.49
C ILE B 301 17.50 24.04 -14.01
N ARG B 302 17.70 25.15 -13.31
CA ARG B 302 17.44 25.27 -11.86
C ARG B 302 16.01 24.82 -11.54
N PRO B 303 15.83 23.89 -10.59
CA PRO B 303 14.44 23.52 -10.29
C PRO B 303 13.62 24.68 -9.66
N ALA B 304 12.28 24.60 -9.69
CA ALA B 304 11.41 25.67 -9.18
C ALA B 304 11.32 25.59 -7.65
N VAL B 305 12.46 25.72 -6.97
CA VAL B 305 12.58 25.55 -5.49
C VAL B 305 11.82 24.32 -5.00
N VAL B 306 12.25 23.21 -5.59
CA VAL B 306 11.77 21.86 -5.35
C VAL B 306 13.04 21.07 -5.01
N SER B 307 12.93 20.05 -4.17
CA SER B 307 14.11 19.34 -3.68
C SER B 307 14.76 18.33 -4.64
N THR B 308 14.31 18.22 -5.89
CA THR B 308 14.92 17.30 -6.86
C THR B 308 15.48 18.17 -7.98
N SER B 309 16.60 17.73 -8.55
CA SER B 309 17.27 18.41 -9.65
C SER B 309 17.82 17.36 -10.54
N PHE B 310 18.05 17.76 -11.78
CA PHE B 310 18.57 16.88 -12.82
C PHE B 310 19.70 17.71 -13.41
N VAL B 311 20.95 17.33 -13.07
CA VAL B 311 22.16 18.08 -13.36
C VAL B 311 22.93 17.47 -14.53
N LYS B 312 23.29 18.28 -15.51
CA LYS B 312 24.04 17.84 -16.71
C LYS B 312 25.53 17.79 -16.38
N ILE B 313 26.17 16.67 -16.67
CA ILE B 313 27.61 16.49 -16.40
C ILE B 313 28.31 16.37 -17.75
N ALA B 314 29.14 17.37 -18.07
CA ALA B 314 29.83 17.49 -19.38
C ALA B 314 31.12 16.67 -19.40
N VAL B 315 30.91 15.35 -19.33
CA VAL B 315 31.93 14.33 -19.32
C VAL B 315 31.52 13.24 -20.30
N ASP B 316 32.50 12.81 -21.10
CA ASP B 316 32.30 11.79 -22.11
C ASP B 316 32.45 10.41 -21.45
N PRO B 318 29.37 7.19 -19.86
CA PRO B 318 28.00 6.87 -19.50
C PRO B 318 27.76 7.15 -17.99
N GLU B 320 25.80 5.87 -15.68
CA GLU B 320 25.72 4.69 -14.82
C GLU B 320 27.14 4.27 -14.33
N ASP B 321 28.12 4.29 -15.25
CA ASP B 321 29.53 4.04 -14.94
C ASP B 321 30.11 5.19 -14.12
N PHE B 322 29.78 6.43 -14.47
CA PHE B 322 30.22 7.60 -13.69
C PHE B 322 29.73 7.45 -12.23
N CYS B 323 28.45 7.13 -12.08
CA CYS B 323 27.80 7.03 -10.75
C CYS B 323 28.32 5.83 -9.95
N LEU B 324 28.48 4.68 -10.59
CA LEU B 324 29.09 3.49 -9.95
C LEU B 324 30.51 3.77 -9.42
N GLN B 325 31.36 4.43 -10.21
CA GLN B 325 32.74 4.78 -9.79
C GLN B 325 32.76 5.84 -8.69
N LEU B 326 31.90 6.86 -8.84
CA LEU B 326 31.72 7.88 -7.78
C LEU B 326 31.34 7.23 -6.44
N LEU B 327 30.38 6.31 -6.49
CA LEU B 327 29.87 5.60 -5.32
C LEU B 327 30.96 4.77 -4.63
N GLN B 328 31.67 3.93 -5.40
CA GLN B 328 32.79 3.15 -4.86
C GLN B 328 33.88 4.02 -4.24
N GLU B 329 34.28 5.06 -4.96
CA GLU B 329 35.40 5.91 -4.52
C GLU B 329 35.14 6.83 -3.35
N HIS B 330 33.95 7.44 -3.33
CA HIS B 330 33.62 8.44 -2.30
C HIS B 330 32.30 8.26 -1.58
N GLY B 331 31.54 7.22 -1.89
CA GLY B 331 30.27 6.98 -1.23
C GLY B 331 29.22 8.04 -1.47
N VAL B 332 29.26 8.67 -2.64
CA VAL B 332 28.29 9.71 -3.03
C VAL B 332 27.30 9.01 -3.96
N LEU B 333 26.02 9.04 -3.59
CA LEU B 333 24.97 8.38 -4.38
C LEU B 333 24.15 9.41 -5.15
N LEU B 334 24.06 9.20 -6.46
CA LEU B 334 23.24 9.97 -7.40
C LEU B 334 22.44 8.91 -8.15
N VAL B 335 21.41 9.29 -8.91
CA VAL B 335 20.68 8.35 -9.74
C VAL B 335 21.14 8.68 -11.17
N PRO B 336 21.81 7.73 -11.86
CA PRO B 336 22.31 8.03 -13.18
C PRO B 336 21.18 8.22 -14.17
N GLY B 337 21.34 9.24 -15.03
CA GLY B 337 20.32 9.65 -15.99
C GLY B 337 19.75 8.62 -16.93
N ASN B 338 20.53 7.58 -17.27
CA ASN B 338 20.05 6.44 -18.09
C ASN B 338 18.79 5.77 -17.48
N ARG B 339 18.68 5.78 -16.16
CA ARG B 339 17.51 5.27 -15.44
C ARG B 339 16.21 6.09 -15.67
N PHE B 340 16.33 7.28 -16.28
CA PHE B 340 15.20 8.13 -16.69
C PHE B 340 15.23 8.34 -18.22
N GLU B 341 15.94 7.47 -18.96
CA GLU B 341 16.18 7.59 -20.39
C GLU B 341 16.78 8.93 -20.83
N ARG B 342 17.61 9.51 -19.98
CA ARG B 342 18.28 10.78 -20.29
C ARG B 342 19.70 10.68 -19.79
N ASP B 343 20.55 9.99 -20.54
CA ASP B 343 21.96 9.83 -20.15
C ASP B 343 22.65 11.19 -20.31
N GLY B 344 23.76 11.39 -19.61
CA GLY B 344 24.41 12.69 -19.55
C GLY B 344 23.97 13.58 -18.40
N TYR B 345 22.94 13.12 -17.65
CA TYR B 345 22.41 13.82 -16.48
C TYR B 345 22.42 12.86 -15.28
N VAL B 346 22.27 13.44 -14.10
CA VAL B 346 22.12 12.68 -12.87
C VAL B 346 21.06 13.37 -12.02
N ARG B 347 20.25 12.59 -11.30
CA ARG B 347 19.27 13.15 -10.37
C ARG B 347 20.04 13.38 -9.10
N LEU B 348 20.00 14.62 -8.62
CA LEU B 348 20.66 15.03 -7.40
C LEU B 348 19.57 15.62 -6.52
N GLY B 349 19.30 14.95 -5.40
CA GLY B 349 18.32 15.39 -4.40
C GLY B 349 19.10 16.11 -3.32
N PHE B 350 18.62 17.29 -2.93
CA PHE B 350 19.31 18.14 -1.99
C PHE B 350 18.48 18.58 -0.79
N ALA B 351 17.39 17.85 -0.50
CA ALA B 351 16.60 18.05 0.75
C ALA B 351 17.24 17.32 1.96
N CYS B 352 18.43 16.73 1.79
CA CYS B 352 19.18 16.05 2.85
C CYS B 352 19.80 17.07 3.80
N GLU B 353 20.43 16.59 4.88
CA GLU B 353 21.08 17.47 5.85
C GLU B 353 22.16 18.28 5.11
N GLN B 354 22.29 19.56 5.49
CA GLN B 354 23.22 20.46 4.80
C GLN B 354 24.66 19.95 4.72
N GLU B 355 25.19 19.39 5.80
CA GLU B 355 26.56 18.86 5.85
C GLU B 355 26.76 17.70 4.84
N THR B 356 25.74 16.86 4.67
CA THR B 356 25.78 15.74 3.70
C THR B 356 25.88 16.27 2.28
N LEU B 357 25.04 17.26 1.94
CA LEU B 357 25.10 17.89 0.64
C LEU B 357 26.48 18.51 0.38
N ILE B 358 26.98 19.29 1.33
CA ILE B 358 28.30 19.95 1.21
C ILE B 358 29.43 18.91 0.97
N LYS B 359 29.46 17.85 1.75
CA LYS B 359 30.45 16.78 1.60
C LYS B 359 30.28 15.98 0.29
N GLY B 360 29.04 15.70 -0.08
CA GLY B 360 28.72 15.05 -1.36
C GLY B 360 29.29 15.83 -2.55
N LEU B 361 29.06 17.14 -2.55
CA LEU B 361 29.49 18.02 -3.63
C LEU B 361 30.99 18.22 -3.66
N GLU B 362 31.65 18.26 -2.50
CA GLU B 362 33.11 18.37 -2.40
C GLU B 362 33.79 17.16 -3.01
N LYS B 363 33.27 15.97 -2.69
CA LYS B 363 33.80 14.72 -3.23
C LYS B 363 33.46 14.58 -4.73
N LEU B 364 32.28 15.04 -5.14
CA LEU B 364 31.92 15.05 -6.55
C LEU B 364 32.89 15.96 -7.34
N SER B 365 33.20 17.15 -6.79
CA SER B 365 34.16 18.09 -7.39
C SER B 365 35.54 17.43 -7.57
N GLN B 366 36.01 16.75 -6.52
CA GLN B 366 37.29 16.03 -6.57
C GLN B 366 37.28 15.00 -7.69
N PHE B 367 36.22 14.18 -7.71
CA PHE B 367 36.04 13.14 -8.70
C PHE B 367 36.03 13.69 -10.13
N LEU B 368 35.33 14.82 -10.33
CA LEU B 368 35.26 15.48 -11.63
C LEU B 368 36.63 15.95 -12.17
N ARG B 369 37.63 16.16 -11.30
CA ARG B 369 39.00 16.54 -11.69
C ARG B 369 39.66 15.44 -12.56
N ARG B 370 39.25 14.17 -12.41
CA ARG B 370 39.71 13.07 -13.28
C ARG B 370 39.41 13.25 -14.78
N PHE B 371 38.46 14.14 -15.11
CA PHE B 371 38.02 14.42 -16.48
C PHE B 371 38.55 15.72 -17.06
N ASP B 372 39.42 16.44 -16.36
CA ASP B 372 40.00 17.67 -16.92
C ASP B 372 41.14 17.30 -17.86
N LYS B 373 41.29 18.10 -18.93
CA LYS B 373 42.32 17.88 -19.95
C LYS B 373 43.69 18.17 -19.38
N GLU B 374 44.68 17.33 -19.69
CA GLU B 374 46.07 17.60 -19.31
C GLU B 374 46.63 18.68 -20.25
N ASN B 375 47.65 19.39 -19.78
CA ASN B 375 48.31 20.44 -20.55
C ASN B 375 49.51 19.88 -21.31
#